data_2I55
#
_entry.id   2I55
#
_cell.length_a   92.224
_cell.length_b   92.224
_cell.length_c   172.824
_cell.angle_alpha   90.000
_cell.angle_beta   90.000
_cell.angle_gamma   120.000
#
_symmetry.space_group_name_H-M   'P 31 2 1'
#
loop_
_entity.id
_entity.type
_entity.pdbx_description
1 polymer Phosphomannomutase
2 non-polymer 'CHLORIDE ION'
3 non-polymer 'MAGNESIUM ION'
4 non-polymer 1,6-di-O-phosphono-beta-D-glucopyranose
5 water water
#
_entity_poly.entity_id   1
_entity_poly.type   'polypeptide(L)'
_entity_poly.pdbx_seq_one_letter_code
;MGSKAILLFDVDGTLTPPRNPETHDMKEALLKARAAGFKLGVVGGSDFAKQKEQLGESILEDFDYVFSENGLLAYKDGKE
FHRNSLLRALGNEKVVAFVKKCLHLIADLDIPVQRGTFVEFRNGMFNVSPIGRNCSQQERDEFENLDKERHIREKLIREL
KEAFPDYQLAYSVGGQISFDVFPKGWDKTYCLQFVENDFETIHFFGDKTSEGGNDYEIFTDSRTIGHSVKTYKDTIAILE
ALLEDSR
;
_entity_poly.pdbx_strand_id   A,B,C
#
# COMPACT_ATOMS: atom_id res chain seq x y z
N LYS A 4 13.26 -3.70 25.86
CA LYS A 4 12.15 -3.98 26.82
C LYS A 4 10.83 -4.21 26.07
N ALA A 5 10.36 -5.46 26.03
CA ALA A 5 9.13 -5.83 25.31
C ALA A 5 8.13 -6.61 26.14
N ILE A 6 6.88 -6.56 25.70
CA ILE A 6 5.79 -7.24 26.35
C ILE A 6 4.90 -7.83 25.27
N LEU A 7 4.33 -9.01 25.52
CA LEU A 7 3.39 -9.60 24.61
C LEU A 7 2.04 -9.69 25.28
N LEU A 8 1.02 -9.11 24.63
CA LEU A 8 -0.36 -9.13 25.13
C LEU A 8 -1.23 -10.00 24.26
N PHE A 9 -2.13 -10.70 24.92
CA PHE A 9 -2.99 -11.65 24.24
C PHE A 9 -4.40 -11.44 24.69
N ASP A 10 -5.32 -11.40 23.74
CA ASP A 10 -6.71 -11.67 24.05
C ASP A 10 -6.71 -13.10 24.64
N VAL A 11 -7.83 -13.52 25.19
CA VAL A 11 -7.90 -14.79 25.90
C VAL A 11 -8.64 -15.83 25.04
N ASP A 12 -9.97 -15.80 25.09
CA ASP A 12 -10.82 -16.77 24.39
C ASP A 12 -10.59 -16.71 22.87
N GLY A 13 -10.01 -17.77 22.31
CA GLY A 13 -9.81 -17.90 20.86
C GLY A 13 -8.42 -17.53 20.37
N THR A 14 -7.66 -16.85 21.22
CA THR A 14 -6.31 -16.39 20.90
C THR A 14 -5.25 -17.28 21.59
N LEU A 15 -5.44 -17.51 22.88
CA LEU A 15 -4.56 -18.39 23.66
C LEU A 15 -5.14 -19.79 23.79
N THR A 16 -6.37 -19.95 23.31
CA THR A 16 -7.11 -21.21 23.43
C THR A 16 -7.77 -21.56 22.11
N PRO A 17 -8.50 -22.69 22.07
CA PRO A 17 -9.54 -22.80 21.04
C PRO A 17 -10.66 -21.80 21.32
N PRO A 18 -11.66 -21.70 20.42
CA PRO A 18 -12.84 -20.91 20.77
C PRO A 18 -13.63 -21.55 21.93
N ARG A 19 -13.62 -20.90 23.09
CA ARG A 19 -14.27 -21.41 24.32
C ARG A 19 -13.69 -22.77 24.77
N ASN A 20 -12.53 -22.74 25.44
CA ASN A 20 -11.86 -23.96 25.92
C ASN A 20 -10.64 -23.63 26.80
N PRO A 21 -10.05 -24.66 27.46
CA PRO A 21 -8.78 -24.43 28.15
C PRO A 21 -7.57 -24.28 27.20
N GLU A 22 -6.46 -23.81 27.77
CA GLU A 22 -5.20 -23.58 27.07
C GLU A 22 -4.47 -24.92 26.85
N THR A 23 -3.55 -24.97 25.87
CA THR A 23 -2.74 -26.20 25.64
C THR A 23 -1.36 -26.07 26.23
N HIS A 24 -0.77 -27.20 26.63
CA HIS A 24 0.61 -27.21 27.11
C HIS A 24 1.56 -26.83 25.97
N ASP A 25 1.07 -26.92 24.73
CA ASP A 25 1.78 -26.45 23.55
C ASP A 25 1.79 -24.92 23.57
N MET A 26 0.66 -24.34 23.98
CA MET A 26 0.51 -22.91 24.14
C MET A 26 1.35 -22.45 25.34
N LYS A 27 1.13 -23.08 26.49
CA LYS A 27 1.88 -22.76 27.72
C LYS A 27 3.38 -22.77 27.49
N GLU A 28 3.85 -23.80 26.79
CA GLU A 28 5.28 -24.01 26.57
C GLU A 28 5.78 -22.99 25.57
N ALA A 29 4.92 -22.58 24.66
CA ALA A 29 5.27 -21.51 23.73
C ALA A 29 5.38 -20.19 24.50
N LEU A 30 4.49 -19.96 25.46
CA LEU A 30 4.52 -18.77 26.29
C LEU A 30 5.73 -18.77 27.22
N LEU A 31 5.98 -19.91 27.87
CA LEU A 31 7.14 -20.05 28.74
C LEU A 31 8.43 -19.71 28.00
N LYS A 32 8.57 -20.19 26.78
CA LYS A 32 9.76 -19.90 26.00
C LYS A 32 9.83 -18.41 25.67
N ALA A 33 8.68 -17.80 25.38
CA ALA A 33 8.62 -16.35 25.20
C ALA A 33 9.18 -15.64 26.42
N ARG A 34 8.62 -15.95 27.58
CA ARG A 34 9.08 -15.35 28.82
C ARG A 34 10.58 -15.57 29.01
N ALA A 35 11.01 -16.83 28.89
CA ALA A 35 12.41 -17.20 29.06
C ALA A 35 13.37 -16.41 28.14
N ALA A 36 12.86 -15.89 27.02
CA ALA A 36 13.66 -15.09 26.10
C ALA A 36 13.77 -13.60 26.49
N GLY A 37 13.04 -13.20 27.53
CA GLY A 37 13.11 -11.84 28.04
C GLY A 37 11.85 -11.01 27.82
N PHE A 38 10.85 -11.59 27.15
CA PHE A 38 9.56 -10.92 27.00
C PHE A 38 8.82 -10.91 28.34
N LYS A 39 7.94 -9.93 28.51
CA LYS A 39 6.95 -9.98 29.56
C LYS A 39 5.63 -10.37 28.89
N LEU A 40 4.78 -11.11 29.60
CA LEU A 40 3.48 -11.55 29.08
C LEU A 40 2.33 -10.88 29.81
N GLY A 41 1.34 -10.42 29.05
CA GLY A 41 0.16 -9.81 29.61
C GLY A 41 -1.04 -10.43 28.93
N VAL A 42 -2.20 -10.24 29.51
CA VAL A 42 -3.45 -10.81 29.04
C VAL A 42 -4.56 -9.79 29.24
N VAL A 43 -5.45 -9.64 28.26
CA VAL A 43 -6.50 -8.65 28.36
C VAL A 43 -7.81 -9.21 27.74
N GLY A 44 -8.90 -9.19 28.50
CA GLY A 44 -10.19 -9.66 27.99
C GLY A 44 -11.32 -8.93 28.68
N GLY A 45 -12.42 -8.73 27.96
CA GLY A 45 -13.64 -8.18 28.57
C GLY A 45 -14.19 -9.07 29.68
N SER A 46 -13.85 -10.35 29.60
CA SER A 46 -14.14 -11.35 30.63
C SER A 46 -13.68 -10.91 32.02
N ASP A 47 -14.40 -11.37 33.05
CA ASP A 47 -14.00 -11.12 34.44
C ASP A 47 -12.95 -12.15 34.87
N PHE A 48 -12.07 -11.77 35.79
CA PHE A 48 -10.96 -12.62 36.28
C PHE A 48 -11.31 -14.12 36.41
N ALA A 49 -12.43 -14.42 37.07
CA ALA A 49 -12.90 -15.80 37.24
C ALA A 49 -12.86 -16.60 35.94
N LYS A 50 -13.38 -16.03 34.85
CA LYS A 50 -13.44 -16.72 33.54
C LYS A 50 -12.06 -16.90 32.91
N GLN A 51 -11.17 -15.92 33.16
CA GLN A 51 -9.80 -15.96 32.63
C GLN A 51 -8.97 -17.04 33.33
N LYS A 52 -9.12 -17.08 34.66
CA LYS A 52 -8.55 -18.13 35.53
C LYS A 52 -9.03 -19.49 35.06
N GLU A 53 -10.33 -19.59 34.80
CA GLU A 53 -10.97 -20.82 34.31
C GLU A 53 -10.40 -21.33 32.98
N GLN A 54 -9.89 -20.42 32.16
CA GLN A 54 -9.34 -20.76 30.84
C GLN A 54 -7.81 -20.91 30.81
N LEU A 55 -7.12 -20.19 31.66
CA LEU A 55 -5.65 -20.31 31.73
C LEU A 55 -5.22 -21.25 32.87
N GLY A 56 -6.13 -21.50 33.82
CA GLY A 56 -5.84 -22.33 34.96
C GLY A 56 -5.67 -21.48 36.21
N GLU A 57 -5.64 -22.15 37.36
CA GLU A 57 -5.50 -21.51 38.67
C GLU A 57 -4.21 -20.65 38.80
N SER A 58 -3.14 -21.08 38.13
CA SER A 58 -1.83 -20.41 38.23
C SER A 58 -1.65 -19.26 37.22
N ILE A 59 -2.77 -18.76 36.70
CA ILE A 59 -2.75 -17.60 35.82
C ILE A 59 -1.86 -16.44 36.31
N LEU A 60 -2.03 -15.97 37.54
CA LEU A 60 -1.25 -14.80 38.01
C LEU A 60 0.24 -15.09 38.08
N GLU A 61 0.57 -16.33 38.42
CA GLU A 61 1.95 -16.73 38.51
C GLU A 61 2.56 -16.92 37.12
N ASP A 62 1.74 -16.88 36.06
CA ASP A 62 2.18 -17.20 34.70
C ASP A 62 2.37 -15.99 33.78
N PHE A 63 1.60 -14.93 34.01
CA PHE A 63 1.68 -13.75 33.19
C PHE A 63 2.18 -12.63 34.05
N ASP A 64 2.94 -11.73 33.44
CA ASP A 64 3.41 -10.55 34.16
C ASP A 64 2.28 -9.58 34.52
N TYR A 65 1.29 -9.46 33.62
CA TYR A 65 0.12 -8.62 33.85
C TYR A 65 -1.14 -9.37 33.46
N VAL A 66 -2.21 -9.17 34.22
CA VAL A 66 -3.52 -9.74 33.87
C VAL A 66 -4.60 -8.67 33.94
N PHE A 67 -5.05 -8.23 32.77
CA PHE A 67 -6.09 -7.21 32.65
C PHE A 67 -7.49 -7.83 32.44
N SER A 68 -8.23 -7.98 33.53
CA SER A 68 -9.61 -8.45 33.47
C SER A 68 -10.57 -7.29 33.23
N GLU A 69 -11.67 -7.58 32.53
CA GLU A 69 -12.65 -6.58 32.09
C GLU A 69 -11.90 -5.44 31.45
N ASN A 70 -11.09 -5.79 30.45
CA ASN A 70 -10.29 -4.85 29.65
C ASN A 70 -9.37 -3.93 30.44
N GLY A 71 -8.98 -4.33 31.66
CA GLY A 71 -8.06 -3.53 32.47
C GLY A 71 -8.64 -2.89 33.72
N LEU A 72 -9.95 -2.87 33.86
CA LEU A 72 -10.56 -2.22 35.03
C LEU A 72 -10.19 -2.89 36.34
N LEU A 73 -9.97 -4.20 36.29
CA LEU A 73 -9.31 -4.94 37.35
C LEU A 73 -7.98 -5.38 36.76
N ALA A 74 -6.88 -5.05 37.46
CA ALA A 74 -5.55 -5.30 36.92
C ALA A 74 -4.58 -5.82 37.97
N TYR A 75 -3.89 -6.89 37.59
CA TYR A 75 -2.78 -7.46 38.33
C TYR A 75 -1.45 -7.29 37.59
N LYS A 76 -0.40 -7.07 38.38
CA LYS A 76 0.97 -7.01 37.88
C LYS A 76 1.82 -7.72 38.91
N ASP A 77 2.77 -8.53 38.44
CA ASP A 77 3.60 -9.33 39.35
C ASP A 77 2.74 -9.98 40.44
N GLY A 78 1.57 -10.50 40.05
CA GLY A 78 0.68 -11.23 40.96
C GLY A 78 0.03 -10.36 42.00
N LYS A 79 -0.16 -9.08 41.67
CA LYS A 79 -0.51 -8.07 42.66
C LYS A 79 -1.45 -7.06 42.05
N GLU A 80 -2.69 -7.08 42.51
CA GLU A 80 -3.68 -6.12 42.07
C GLU A 80 -3.15 -4.72 42.29
N PHE A 81 -3.18 -3.92 41.23
CA PHE A 81 -2.69 -2.55 41.29
C PHE A 81 -3.65 -1.52 40.72
N HIS A 82 -4.80 -1.97 40.23
CA HIS A 82 -5.79 -1.05 39.71
C HIS A 82 -7.15 -1.71 39.76
N ARG A 83 -8.14 -0.94 40.22
CA ARG A 83 -9.51 -1.38 40.19
C ARG A 83 -10.43 -0.18 39.94
N ASN A 84 -11.06 -0.12 38.76
CA ASN A 84 -12.09 0.91 38.49
C ASN A 84 -13.45 0.23 38.26
N SER A 85 -14.54 0.97 38.44
CA SER A 85 -15.87 0.44 38.20
C SER A 85 -16.70 1.41 37.41
N LEU A 86 -17.73 0.86 36.79
CA LEU A 86 -18.75 1.65 36.12
C LEU A 86 -19.36 2.64 37.10
N LEU A 87 -19.60 2.16 38.32
CA LEU A 87 -20.27 2.96 39.33
C LEU A 87 -19.40 4.16 39.72
N ARG A 88 -18.10 3.91 39.86
CA ARG A 88 -17.17 4.92 40.35
C ARG A 88 -16.90 5.98 39.29
N ALA A 89 -16.96 5.56 38.02
CA ALA A 89 -16.81 6.48 36.91
C ALA A 89 -18.04 7.39 36.78
N LEU A 90 -19.18 6.81 36.46
CA LEU A 90 -20.41 7.58 36.30
C LEU A 90 -20.93 8.21 37.58
N GLY A 91 -21.06 7.42 38.64
CA GLY A 91 -21.74 7.85 39.86
C GLY A 91 -23.20 7.48 39.85
N ASN A 92 -23.76 7.27 41.06
CA ASN A 92 -25.10 6.72 41.27
C ASN A 92 -26.25 7.37 40.48
N GLU A 93 -26.31 8.69 40.50
CA GLU A 93 -27.33 9.41 39.74
C GLU A 93 -27.33 9.03 38.29
N LYS A 94 -26.21 9.32 37.62
CA LYS A 94 -26.10 9.14 36.20
C LYS A 94 -26.44 7.70 35.85
N VAL A 95 -26.10 6.79 36.75
CA VAL A 95 -26.41 5.38 36.58
C VAL A 95 -27.92 5.12 36.66
N VAL A 96 -28.61 5.61 37.68
CA VAL A 96 -30.05 5.32 37.79
C VAL A 96 -30.80 5.97 36.62
N ALA A 97 -30.35 7.15 36.22
CA ALA A 97 -30.89 7.84 35.07
C ALA A 97 -30.80 7.00 33.79
N PHE A 98 -29.63 6.45 33.51
CA PHE A 98 -29.44 5.68 32.29
C PHE A 98 -30.33 4.47 32.31
N VAL A 99 -30.33 3.79 33.45
CA VAL A 99 -31.10 2.58 33.66
C VAL A 99 -32.60 2.83 33.55
N LYS A 100 -33.11 3.82 34.28
CA LYS A 100 -34.54 4.09 34.26
C LYS A 100 -35.05 4.21 32.84
N LYS A 101 -34.25 4.88 32.00
CA LYS A 101 -34.61 5.19 30.60
C LYS A 101 -34.50 3.95 29.70
N CYS A 102 -33.45 3.14 29.91
CA CYS A 102 -33.38 1.84 29.30
C CYS A 102 -34.68 1.09 29.54
N LEU A 103 -35.10 1.05 30.80
CA LEU A 103 -36.29 0.27 31.17
C LEU A 103 -37.57 0.79 30.50
N HIS A 104 -37.70 2.11 30.36
CA HIS A 104 -38.85 2.70 29.66
C HIS A 104 -38.80 2.31 28.19
N LEU A 105 -37.76 2.71 27.50
CA LEU A 105 -37.54 2.30 26.11
C LEU A 105 -37.98 0.87 25.84
N ILE A 106 -37.45 -0.04 26.64
CA ILE A 106 -37.67 -1.47 26.46
C ILE A 106 -39.12 -1.86 26.72
N ALA A 107 -39.66 -1.37 27.82
CA ALA A 107 -41.08 -1.55 28.13
C ALA A 107 -41.99 -1.04 27.01
N ASP A 108 -41.49 -0.12 26.19
CA ASP A 108 -42.25 0.49 25.07
C ASP A 108 -42.02 -0.11 23.69
N LEU A 109 -41.20 -1.14 23.59
CA LEU A 109 -40.98 -1.80 22.31
C LEU A 109 -42.22 -2.58 21.88
N ASP A 110 -42.46 -2.63 20.56
CA ASP A 110 -43.49 -3.48 19.99
C ASP A 110 -42.91 -4.79 19.43
N ILE A 111 -41.89 -5.35 20.08
CA ILE A 111 -41.39 -6.68 19.71
C ILE A 111 -42.27 -7.75 20.36
N PRO A 112 -42.22 -9.00 19.85
CA PRO A 112 -43.12 -10.09 20.25
C PRO A 112 -42.69 -10.90 21.46
N VAL A 113 -41.39 -11.20 21.59
CA VAL A 113 -40.95 -12.01 22.73
C VAL A 113 -40.10 -11.18 23.66
N GLN A 114 -40.55 -11.06 24.90
CA GLN A 114 -39.78 -10.44 25.98
C GLN A 114 -39.86 -11.38 27.20
N ARG A 115 -38.76 -11.54 27.94
CA ARG A 115 -38.68 -12.51 29.04
C ARG A 115 -38.29 -11.83 30.35
N GLY A 116 -37.00 -11.89 30.70
CA GLY A 116 -36.49 -11.25 31.91
C GLY A 116 -35.06 -10.82 31.67
N THR A 117 -34.46 -10.19 32.69
CA THR A 117 -33.09 -9.67 32.63
C THR A 117 -32.84 -8.85 31.34
N PHE A 118 -33.40 -7.66 31.32
CA PHE A 118 -33.30 -6.75 30.17
C PHE A 118 -32.15 -5.79 30.29
N VAL A 119 -31.84 -5.43 31.53
CA VAL A 119 -30.76 -4.50 31.82
C VAL A 119 -29.87 -5.06 32.91
N GLU A 120 -28.65 -5.40 32.54
CA GLU A 120 -27.71 -6.06 33.39
C GLU A 120 -26.55 -5.12 33.69
N PHE A 121 -26.45 -4.73 34.95
CA PHE A 121 -25.43 -3.82 35.43
C PHE A 121 -24.26 -4.65 35.86
N ARG A 122 -23.10 -4.38 35.25
CA ARG A 122 -21.89 -5.16 35.45
C ARG A 122 -20.75 -4.23 35.82
N ASN A 123 -19.71 -4.79 36.42
CA ASN A 123 -18.65 -3.98 37.00
C ASN A 123 -18.22 -2.86 36.09
N GLY A 124 -18.10 -3.14 34.79
CA GLY A 124 -17.51 -2.20 33.86
C GLY A 124 -18.33 -1.89 32.62
N MET A 125 -19.60 -2.28 32.61
CA MET A 125 -20.44 -2.04 31.45
C MET A 125 -21.89 -2.33 31.74
N PHE A 126 -22.76 -1.63 31.03
CA PHE A 126 -24.17 -1.97 31.00
C PHE A 126 -24.35 -3.03 29.92
N ASN A 127 -25.03 -4.12 30.22
CA ASN A 127 -25.48 -5.00 29.14
C ASN A 127 -26.97 -4.95 29.02
N VAL A 128 -27.44 -4.62 27.82
CA VAL A 128 -28.83 -4.29 27.61
C VAL A 128 -29.43 -5.23 26.59
N SER A 129 -30.58 -5.83 26.91
CA SER A 129 -31.24 -6.76 25.99
C SER A 129 -32.75 -6.49 25.89
N PRO A 130 -33.24 -6.26 24.65
CA PRO A 130 -34.64 -5.94 24.40
C PRO A 130 -35.54 -7.12 24.70
N ILE A 131 -35.16 -8.28 24.17
CA ILE A 131 -35.84 -9.54 24.49
C ILE A 131 -35.59 -9.90 25.96
N GLY A 132 -34.40 -9.59 26.44
CA GLY A 132 -34.01 -9.86 27.82
C GLY A 132 -33.33 -11.22 27.86
N ARG A 133 -32.24 -11.33 28.59
CA ARG A 133 -31.41 -12.53 28.47
C ARG A 133 -31.87 -13.77 29.27
N ASN A 134 -33.06 -13.72 29.86
CA ASN A 134 -33.65 -14.91 30.46
C ASN A 134 -34.42 -15.73 29.42
N CYS A 135 -33.92 -15.76 28.18
CA CYS A 135 -34.65 -16.38 27.10
C CYS A 135 -33.94 -17.62 26.59
N SER A 136 -34.70 -18.50 25.97
CA SER A 136 -34.14 -19.74 25.48
C SER A 136 -33.26 -19.48 24.26
N GLN A 137 -32.45 -20.48 23.92
CA GLN A 137 -31.59 -20.41 22.76
C GLN A 137 -32.42 -20.18 21.50
N GLN A 138 -33.52 -20.91 21.38
CA GLN A 138 -34.39 -20.78 20.21
C GLN A 138 -34.89 -19.35 20.08
N GLU A 139 -35.35 -18.80 21.19
CA GLU A 139 -35.84 -17.41 21.24
C GLU A 139 -34.76 -16.40 20.96
N ARG A 140 -33.51 -16.78 21.27
CA ARG A 140 -32.36 -16.00 20.87
C ARG A 140 -32.33 -15.86 19.34
N ASP A 141 -32.52 -16.98 18.65
CA ASP A 141 -32.41 -17.02 17.18
C ASP A 141 -33.59 -16.36 16.48
N GLU A 142 -34.79 -16.58 16.99
CA GLU A 142 -35.98 -15.93 16.46
C GLU A 142 -35.70 -14.45 16.47
N PHE A 143 -35.30 -13.97 17.65
CA PHE A 143 -35.04 -12.56 17.83
C PHE A 143 -33.81 -12.07 17.06
N GLU A 144 -32.72 -12.84 17.03
CA GLU A 144 -31.52 -12.43 16.24
C GLU A 144 -31.90 -12.11 14.80
N ASN A 145 -32.86 -12.87 14.27
CA ASN A 145 -33.39 -12.65 12.94
C ASN A 145 -34.34 -11.47 12.86
N LEU A 146 -35.08 -11.23 13.93
CA LEU A 146 -35.98 -10.09 13.95
C LEU A 146 -35.13 -8.83 13.83
N ASP A 147 -34.19 -8.72 14.76
CA ASP A 147 -33.31 -7.57 14.84
C ASP A 147 -32.71 -7.20 13.49
N LYS A 148 -32.19 -8.18 12.76
CA LYS A 148 -31.62 -7.90 11.45
C LYS A 148 -32.61 -7.17 10.53
N GLU A 149 -33.90 -7.47 10.66
CA GLU A 149 -34.93 -6.85 9.81
C GLU A 149 -35.35 -5.48 10.30
N ARG A 150 -35.38 -5.32 11.63
CA ARG A 150 -35.95 -4.12 12.27
C ARG A 150 -34.94 -3.21 13.00
N HIS A 151 -33.75 -3.75 13.31
CA HIS A 151 -32.67 -2.99 13.94
C HIS A 151 -33.14 -2.39 15.25
N ILE A 152 -33.58 -3.27 16.14
CA ILE A 152 -34.11 -2.88 17.43
C ILE A 152 -32.99 -2.45 18.35
N ARG A 153 -31.91 -3.20 18.32
CA ARG A 153 -30.70 -2.80 19.02
C ARG A 153 -30.14 -1.50 18.42
N GLU A 154 -30.15 -1.37 17.10
CA GLU A 154 -29.64 -0.13 16.53
C GLU A 154 -30.43 1.09 17.03
N LYS A 155 -31.76 0.97 17.13
CA LYS A 155 -32.65 2.11 17.48
C LYS A 155 -32.49 2.60 18.92
N LEU A 156 -32.59 1.67 19.86
CA LEU A 156 -32.34 1.95 21.27
C LEU A 156 -30.99 2.63 21.49
N ILE A 157 -29.98 2.17 20.78
CA ILE A 157 -28.68 2.81 20.84
C ILE A 157 -28.81 4.24 20.36
N ARG A 158 -29.45 4.49 19.24
CA ARG A 158 -29.58 5.88 18.82
C ARG A 158 -30.31 6.67 19.91
N GLU A 159 -31.39 6.10 20.43
CA GLU A 159 -32.18 6.78 21.45
C GLU A 159 -31.43 7.08 22.73
N LEU A 160 -30.63 6.12 23.20
CA LEU A 160 -29.86 6.31 24.40
C LEU A 160 -28.73 7.27 24.15
N LYS A 161 -28.08 7.17 22.99
CA LYS A 161 -27.02 8.10 22.62
C LYS A 161 -27.50 9.53 22.75
N GLU A 162 -28.66 9.80 22.19
CA GLU A 162 -29.18 11.17 22.14
C GLU A 162 -29.90 11.64 23.41
N ALA A 163 -30.31 10.71 24.28
CA ALA A 163 -30.72 11.07 25.65
C ALA A 163 -29.54 11.51 26.49
N PHE A 164 -28.38 10.86 26.32
CA PHE A 164 -27.26 11.08 27.23
C PHE A 164 -25.93 11.39 26.54
N PRO A 165 -25.91 12.44 25.71
CA PRO A 165 -24.65 12.80 25.11
C PRO A 165 -23.61 13.15 26.14
N ASP A 166 -24.02 13.80 27.25
CA ASP A 166 -23.06 14.22 28.29
C ASP A 166 -22.35 13.05 28.98
N TYR A 167 -22.90 11.84 28.86
CA TYR A 167 -22.36 10.67 29.55
C TYR A 167 -21.11 10.08 28.92
N GLN A 168 -20.71 10.59 27.75
CA GLN A 168 -19.48 10.14 27.09
C GLN A 168 -19.37 8.62 27.16
N LEU A 169 -20.40 7.96 26.59
CA LEU A 169 -20.57 6.51 26.59
C LEU A 169 -20.36 5.98 25.20
N ALA A 170 -19.96 4.69 25.14
CA ALA A 170 -19.75 3.97 23.89
C ALA A 170 -20.63 2.73 23.85
N TYR A 171 -21.10 2.38 22.66
CA TYR A 171 -22.06 1.30 22.47
C TYR A 171 -21.50 0.25 21.51
N SER A 172 -21.33 -0.97 22.03
CA SER A 172 -20.92 -2.10 21.20
C SER A 172 -22.01 -3.15 21.22
N VAL A 173 -22.36 -3.64 20.04
CA VAL A 173 -23.33 -4.72 19.92
C VAL A 173 -22.74 -6.07 20.39
N GLY A 174 -23.34 -6.60 21.44
CA GLY A 174 -22.95 -7.90 22.02
C GLY A 174 -23.21 -9.04 21.05
N GLY A 175 -23.74 -10.14 21.58
CA GLY A 175 -23.91 -11.37 20.79
C GLY A 175 -25.13 -11.34 19.89
N GLN A 176 -26.14 -12.12 20.24
CA GLN A 176 -27.38 -12.17 19.49
C GLN A 176 -28.44 -11.20 20.04
N ILE A 177 -28.56 -11.08 21.37
CA ILE A 177 -29.75 -10.45 21.98
C ILE A 177 -29.49 -9.19 22.80
N SER A 178 -28.26 -8.70 22.77
CA SER A 178 -27.71 -7.83 23.80
C SER A 178 -26.81 -6.78 23.22
N PHE A 179 -26.75 -5.61 23.83
CA PHE A 179 -25.68 -4.70 23.47
C PHE A 179 -25.03 -4.13 24.67
N ASP A 180 -23.77 -3.76 24.50
CA ASP A 180 -22.95 -3.30 25.58
C ASP A 180 -22.82 -1.78 25.50
N VAL A 181 -22.79 -1.16 26.68
CA VAL A 181 -22.59 0.26 26.85
C VAL A 181 -21.52 0.47 27.92
N PHE A 182 -20.59 1.38 27.67
CA PHE A 182 -19.54 1.69 28.64
C PHE A 182 -18.87 3.00 28.25
N PRO A 183 -18.23 3.68 29.23
CA PRO A 183 -17.62 4.98 28.93
C PRO A 183 -16.66 4.90 27.77
N LYS A 184 -16.83 5.80 26.80
CA LYS A 184 -15.87 6.01 25.75
C LYS A 184 -14.49 5.74 26.30
N GLY A 185 -13.81 4.72 25.79
CA GLY A 185 -12.45 4.39 26.22
C GLY A 185 -12.23 3.03 26.87
N TRP A 186 -13.30 2.41 27.37
CA TRP A 186 -13.18 1.19 28.18
C TRP A 186 -13.14 -0.12 27.37
N ASP A 187 -12.76 -0.02 26.10
CA ASP A 187 -12.38 -1.19 25.32
C ASP A 187 -11.01 -1.65 25.77
N LYS A 188 -10.43 -2.60 25.06
CA LYS A 188 -9.14 -3.14 25.46
C LYS A 188 -8.00 -2.12 25.61
N THR A 189 -8.05 -0.98 24.92
CA THR A 189 -6.98 0.03 25.07
C THR A 189 -6.94 0.69 26.46
N TYR A 190 -7.98 0.49 27.25
CA TYR A 190 -7.93 0.91 28.64
C TYR A 190 -6.59 0.52 29.27
N CYS A 191 -6.19 -0.74 29.11
CA CYS A 191 -5.02 -1.27 29.80
C CYS A 191 -3.68 -0.64 29.38
N LEU A 192 -3.64 -0.04 28.22
CA LEU A 192 -2.36 0.43 27.70
C LEU A 192 -1.75 1.47 28.63
N GLN A 193 -2.58 2.34 29.18
CA GLN A 193 -2.09 3.34 30.12
C GLN A 193 -1.05 2.79 31.11
N PHE A 194 -1.07 1.48 31.35
CA PHE A 194 -0.27 0.84 32.40
C PHE A 194 1.04 0.24 31.91
N VAL A 195 1.04 -0.30 30.70
CA VAL A 195 2.27 -0.84 30.12
C VAL A 195 2.94 0.17 29.21
N GLU A 196 2.12 1.07 28.67
CA GLU A 196 2.56 2.17 27.83
C GLU A 196 3.94 2.66 28.22
N ASN A 197 4.09 3.07 29.48
CA ASN A 197 5.31 3.76 29.94
C ASN A 197 6.52 2.87 30.30
N ASP A 198 6.47 1.59 29.96
CA ASP A 198 7.49 0.64 30.39
C ASP A 198 8.08 -0.25 29.30
N PHE A 199 7.57 -0.14 28.08
CA PHE A 199 7.98 -1.02 27.00
C PHE A 199 8.12 -0.26 25.69
N GLU A 200 9.32 -0.28 25.12
CA GLU A 200 9.58 0.17 23.74
C GLU A 200 8.53 -0.36 22.77
N THR A 201 8.34 -1.67 22.80
CA THR A 201 7.46 -2.40 21.91
C THR A 201 6.42 -3.22 22.69
N ILE A 202 5.20 -3.24 22.17
CA ILE A 202 4.07 -3.96 22.76
C ILE A 202 3.40 -4.75 21.66
N HIS A 203 3.50 -6.07 21.73
CA HIS A 203 2.78 -6.89 20.77
C HIS A 203 1.38 -7.18 21.30
N PHE A 204 0.37 -7.02 20.43
CA PHE A 204 -0.99 -7.47 20.75
C PHE A 204 -1.43 -8.55 19.79
N PHE A 205 -1.91 -9.64 20.36
CA PHE A 205 -2.45 -10.78 19.64
C PHE A 205 -3.95 -10.87 19.90
N GLY A 206 -4.72 -11.07 18.85
CA GLY A 206 -6.16 -11.19 18.97
C GLY A 206 -6.79 -11.69 17.68
N ASP A 207 -8.08 -11.99 17.75
CA ASP A 207 -8.76 -12.58 16.62
C ASP A 207 -9.95 -11.76 16.15
N LYS A 208 -10.54 -10.96 17.02
CA LYS A 208 -11.63 -10.07 16.62
C LYS A 208 -11.08 -8.65 16.37
N THR A 209 -10.23 -8.54 15.35
CA THR A 209 -9.54 -7.28 15.02
C THR A 209 -10.13 -6.53 13.80
N SER A 210 -11.16 -7.10 13.18
CA SER A 210 -11.99 -6.35 12.24
C SER A 210 -12.79 -5.31 13.00
N GLU A 211 -13.15 -4.22 12.34
CA GLU A 211 -14.00 -3.19 12.95
C GLU A 211 -15.25 -3.84 13.56
N GLY A 212 -15.77 -3.23 14.63
CA GLY A 212 -16.86 -3.83 15.41
C GLY A 212 -16.35 -4.82 16.45
N GLY A 213 -15.18 -5.42 16.20
CA GLY A 213 -14.60 -6.39 17.12
C GLY A 213 -14.07 -5.73 18.37
N ASN A 214 -13.76 -6.53 19.38
CA ASN A 214 -13.25 -6.03 20.68
C ASN A 214 -11.73 -5.98 20.76
N ASP A 215 -11.08 -6.58 19.77
CA ASP A 215 -9.64 -6.46 19.62
C ASP A 215 -9.32 -5.27 18.73
N TYR A 216 -10.30 -4.82 17.94
CA TYR A 216 -10.05 -3.79 16.94
C TYR A 216 -9.39 -2.52 17.46
N GLU A 217 -9.84 -2.04 18.61
CA GLU A 217 -9.36 -0.75 19.11
C GLU A 217 -7.88 -0.88 19.43
N ILE A 218 -7.58 -1.82 20.34
CA ILE A 218 -6.19 -2.11 20.74
C ILE A 218 -5.28 -2.54 19.57
N PHE A 219 -5.85 -3.22 18.59
CA PHE A 219 -5.09 -3.74 17.46
C PHE A 219 -4.64 -2.63 16.55
N THR A 220 -5.55 -1.71 16.29
CA THR A 220 -5.29 -0.58 15.43
C THR A 220 -4.55 0.53 16.18
N ASP A 221 -4.56 0.47 17.50
CA ASP A 221 -3.80 1.43 18.28
C ASP A 221 -2.34 1.44 17.77
N SER A 222 -1.74 2.62 17.74
CA SER A 222 -0.38 2.77 17.14
C SER A 222 0.76 2.49 18.13
N ARG A 223 0.44 2.46 19.43
CA ARG A 223 1.36 2.01 20.47
C ARG A 223 1.48 0.49 20.46
N THR A 224 0.55 -0.14 19.79
CA THR A 224 0.53 -1.58 19.63
C THR A 224 1.13 -2.03 18.29
N ILE A 225 1.88 -3.12 18.34
CA ILE A 225 2.22 -3.91 17.17
C ILE A 225 1.19 -5.03 17.04
N GLY A 226 0.17 -4.82 16.21
CA GLY A 226 -0.97 -5.72 16.16
C GLY A 226 -0.66 -7.03 15.47
N HIS A 227 -1.39 -8.08 15.83
CA HIS A 227 -1.29 -9.40 15.22
C HIS A 227 -2.65 -10.06 15.18
N SER A 228 -3.29 -10.04 14.03
CA SER A 228 -4.54 -10.76 13.89
C SER A 228 -4.21 -12.22 13.72
N VAL A 229 -4.79 -13.07 14.58
CA VAL A 229 -4.70 -14.51 14.42
C VAL A 229 -6.08 -15.15 14.19
N LYS A 230 -6.07 -16.37 13.66
CA LYS A 230 -7.28 -17.19 13.52
C LYS A 230 -7.44 -18.05 14.79
N THR A 231 -6.64 -19.10 14.94
CA THR A 231 -6.63 -19.86 16.19
C THR A 231 -5.30 -19.68 16.90
N TYR A 232 -5.23 -20.20 18.13
CA TYR A 232 -4.01 -20.17 18.93
C TYR A 232 -2.82 -20.85 18.27
N LYS A 233 -3.10 -21.68 17.27
CA LYS A 233 -2.05 -22.33 16.52
C LYS A 233 -1.20 -21.25 15.83
N ASP A 234 -1.86 -20.35 15.11
CA ASP A 234 -1.19 -19.15 14.58
C ASP A 234 -0.32 -18.50 15.66
N THR A 235 -0.96 -18.17 16.77
CA THR A 235 -0.31 -17.45 17.86
C THR A 235 1.11 -17.96 18.13
N ILE A 236 1.26 -19.28 18.19
CA ILE A 236 2.54 -19.90 18.52
C ILE A 236 3.55 -19.71 17.39
N ALA A 237 3.13 -19.99 16.16
CA ALA A 237 3.96 -19.69 14.98
C ALA A 237 4.54 -18.30 15.12
N ILE A 238 3.68 -17.31 15.38
CA ILE A 238 4.17 -15.94 15.46
C ILE A 238 5.22 -15.88 16.56
N LEU A 239 4.94 -16.48 17.72
CA LEU A 239 5.90 -16.49 18.84
C LEU A 239 7.23 -17.14 18.47
N GLU A 240 7.14 -18.31 17.88
CA GLU A 240 8.32 -19.07 17.55
C GLU A 240 9.19 -18.35 16.54
N ALA A 241 8.56 -17.60 15.64
CA ALA A 241 9.29 -16.84 14.62
C ALA A 241 9.89 -15.62 15.28
N LEU A 242 9.09 -14.97 16.13
CA LEU A 242 9.59 -13.92 16.99
C LEU A 242 10.86 -14.32 17.73
N LEU A 243 10.89 -15.55 18.27
CA LEU A 243 12.08 -16.08 18.96
C LEU A 243 13.10 -16.81 18.03
N GLU A 244 12.71 -17.06 16.78
CA GLU A 244 13.59 -17.76 15.82
C GLU A 244 14.87 -16.96 15.59
N ASP A 245 14.71 -15.82 14.93
CA ASP A 245 15.77 -14.80 14.71
C ASP A 245 16.98 -15.31 13.98
N LYS B 4 35.07 -21.57 -20.39
CA LYS B 4 33.77 -20.90 -20.13
C LYS B 4 33.75 -20.04 -18.84
N ALA B 5 34.00 -18.74 -18.99
CA ALA B 5 33.84 -17.80 -17.89
C ALA B 5 32.73 -16.81 -18.21
N ILE B 6 32.27 -16.13 -17.17
CA ILE B 6 31.25 -15.12 -17.29
C ILE B 6 31.52 -14.03 -16.26
N LEU B 7 31.21 -12.80 -16.67
CA LEU B 7 31.34 -11.63 -15.81
C LEU B 7 29.95 -11.18 -15.42
N LEU B 8 29.71 -11.04 -14.12
CA LEU B 8 28.44 -10.59 -13.59
C LEU B 8 28.64 -9.26 -12.90
N PHE B 9 27.94 -8.23 -13.36
CA PHE B 9 28.10 -6.92 -12.81
C PHE B 9 26.84 -6.47 -12.14
N ASP B 10 27.02 -5.80 -11.03
CA ASP B 10 25.98 -4.98 -10.45
C ASP B 10 25.84 -3.78 -11.36
N VAL B 11 24.75 -3.03 -11.20
CA VAL B 11 24.45 -1.97 -12.16
C VAL B 11 24.87 -0.62 -11.59
N ASP B 12 24.02 0.00 -10.77
CA ASP B 12 24.31 1.36 -10.32
C ASP B 12 25.54 1.32 -9.43
N GLY B 13 26.35 2.37 -9.52
CA GLY B 13 27.64 2.42 -8.84
C GLY B 13 28.75 1.67 -9.57
N THR B 14 28.40 0.61 -10.27
CA THR B 14 29.39 -0.37 -10.68
C THR B 14 29.73 -0.22 -12.14
N LEU B 15 28.70 -0.14 -12.98
CA LEU B 15 28.91 0.11 -14.40
C LEU B 15 28.66 1.55 -14.71
N THR B 16 28.08 2.29 -13.78
CA THR B 16 27.66 3.67 -14.01
C THR B 16 28.23 4.67 -13.03
N PRO B 17 28.39 5.93 -13.47
CA PRO B 17 28.41 7.08 -12.56
C PRO B 17 27.14 7.06 -11.70
N PRO B 18 27.25 7.39 -10.39
CA PRO B 18 26.18 6.88 -9.51
C PRO B 18 24.88 7.68 -9.68
N ARG B 19 23.74 6.96 -9.71
CA ARG B 19 22.47 7.48 -10.26
C ARG B 19 22.74 8.31 -11.52
N ASN B 20 23.25 7.64 -12.55
CA ASN B 20 23.51 8.26 -13.86
C ASN B 20 23.73 7.17 -14.88
N PRO B 21 23.74 7.54 -16.17
CA PRO B 21 23.83 6.49 -17.18
C PRO B 21 25.28 6.05 -17.44
N GLU B 22 25.39 4.86 -18.03
CA GLU B 22 26.66 4.23 -18.40
C GLU B 22 27.49 5.05 -19.39
N THR B 23 28.81 5.04 -19.21
CA THR B 23 29.72 5.77 -20.05
C THR B 23 30.09 4.93 -21.26
N HIS B 24 30.48 5.61 -22.34
CA HIS B 24 31.07 4.97 -23.50
C HIS B 24 32.34 4.21 -23.11
N ASP B 25 33.17 4.82 -22.26
CA ASP B 25 34.31 4.15 -21.61
C ASP B 25 33.98 2.70 -21.27
N MET B 26 32.89 2.55 -20.53
CA MET B 26 32.49 1.32 -19.87
C MET B 26 31.95 0.32 -20.89
N LYS B 27 31.11 0.80 -21.80
CA LYS B 27 30.61 -0.02 -22.90
C LYS B 27 31.79 -0.61 -23.69
N GLU B 28 32.79 0.24 -23.97
CA GLU B 28 34.00 -0.16 -24.69
C GLU B 28 34.83 -1.18 -23.93
N ALA B 29 34.77 -1.11 -22.60
CA ALA B 29 35.48 -2.06 -21.77
C ALA B 29 34.76 -3.40 -21.80
N LEU B 30 33.44 -3.37 -21.81
CA LEU B 30 32.66 -4.60 -21.86
C LEU B 30 32.78 -5.24 -23.24
N LEU B 31 33.00 -4.39 -24.25
CA LEU B 31 33.12 -4.84 -25.61
C LEU B 31 34.37 -5.67 -25.77
N LYS B 32 35.46 -5.14 -25.24
CA LYS B 32 36.72 -5.85 -25.28
C LYS B 32 36.59 -7.14 -24.46
N ALA B 33 35.84 -7.10 -23.37
CA ALA B 33 35.63 -8.30 -22.56
C ALA B 33 34.90 -9.38 -23.36
N ARG B 34 33.79 -8.99 -23.95
CA ARG B 34 32.95 -9.91 -24.67
C ARG B 34 33.72 -10.64 -25.82
N ALA B 35 34.49 -9.88 -26.59
CA ALA B 35 35.26 -10.39 -27.70
C ALA B 35 36.45 -11.32 -27.31
N ALA B 36 36.88 -11.24 -26.05
CA ALA B 36 37.85 -12.19 -25.48
C ALA B 36 37.20 -13.52 -25.04
N GLY B 37 35.92 -13.69 -25.33
CA GLY B 37 35.26 -14.94 -25.06
C GLY B 37 34.48 -14.94 -23.77
N PHE B 38 34.59 -13.88 -22.97
CA PHE B 38 33.81 -13.79 -21.73
C PHE B 38 32.34 -13.54 -22.10
N LYS B 39 31.44 -14.16 -21.35
CA LYS B 39 30.02 -13.90 -21.48
C LYS B 39 29.67 -12.84 -20.42
N LEU B 40 28.64 -12.02 -20.65
CA LEU B 40 28.38 -10.87 -19.79
C LEU B 40 26.98 -10.91 -19.21
N GLY B 41 26.85 -10.51 -17.95
CA GLY B 41 25.53 -10.36 -17.33
C GLY B 41 25.45 -9.21 -16.34
N VAL B 42 24.26 -8.66 -16.16
CA VAL B 42 24.02 -7.68 -15.11
C VAL B 42 23.08 -8.30 -14.08
N VAL B 43 23.22 -7.86 -12.84
CA VAL B 43 22.27 -8.24 -11.80
C VAL B 43 22.00 -7.06 -10.88
N GLY B 44 20.77 -6.60 -10.89
CA GLY B 44 20.39 -5.47 -10.06
C GLY B 44 19.12 -5.84 -9.31
N GLY B 45 18.96 -5.25 -8.13
CA GLY B 45 17.68 -5.27 -7.46
C GLY B 45 16.61 -4.52 -8.23
N SER B 46 17.01 -3.48 -8.95
CA SER B 46 16.02 -2.67 -9.65
C SER B 46 15.38 -3.45 -10.79
N ASP B 47 14.19 -3.02 -11.19
CA ASP B 47 13.46 -3.67 -12.28
C ASP B 47 14.07 -3.35 -13.67
N PHE B 48 13.63 -4.09 -14.69
CA PHE B 48 14.24 -4.03 -16.02
C PHE B 48 14.23 -2.64 -16.62
N ALA B 49 13.13 -1.92 -16.42
CA ALA B 49 12.96 -0.58 -16.97
C ALA B 49 14.10 0.30 -16.51
N LYS B 50 14.38 0.26 -15.21
CA LYS B 50 15.46 1.01 -14.63
C LYS B 50 16.81 0.54 -15.18
N GLN B 51 16.94 -0.75 -15.36
CA GLN B 51 18.21 -1.28 -15.84
C GLN B 51 18.44 -0.82 -17.28
N LYS B 52 17.42 -0.98 -18.13
CA LYS B 52 17.49 -0.51 -19.51
C LYS B 52 17.83 0.98 -19.55
N GLU B 53 17.34 1.73 -18.57
CA GLU B 53 17.55 3.16 -18.52
C GLU B 53 19.02 3.55 -18.34
N GLN B 54 19.74 2.85 -17.46
CA GLN B 54 21.15 3.19 -17.21
C GLN B 54 22.08 2.53 -18.20
N LEU B 55 21.63 1.42 -18.76
CA LEU B 55 22.46 0.65 -19.66
C LEU B 55 22.21 0.98 -21.13
N GLY B 56 21.00 1.46 -21.46
CA GLY B 56 20.63 1.82 -22.84
C GLY B 56 19.67 0.83 -23.48
N GLU B 57 18.96 1.27 -24.51
CA GLU B 57 17.96 0.43 -25.16
C GLU B 57 18.56 -0.90 -25.61
N SER B 58 19.80 -0.87 -26.09
CA SER B 58 20.51 -2.07 -26.53
C SER B 58 20.91 -3.03 -25.37
N ILE B 59 20.46 -2.75 -24.16
CA ILE B 59 20.83 -3.54 -23.01
C ILE B 59 20.82 -5.04 -23.29
N LEU B 60 19.76 -5.54 -23.93
CA LEU B 60 19.60 -7.00 -24.12
C LEU B 60 20.57 -7.46 -25.16
N GLU B 61 20.93 -6.54 -26.04
CA GLU B 61 21.92 -6.78 -27.06
C GLU B 61 23.34 -6.66 -26.53
N ASP B 62 23.52 -5.96 -25.43
CA ASP B 62 24.84 -5.69 -24.88
C ASP B 62 25.30 -6.68 -23.81
N PHE B 63 24.37 -7.47 -23.29
CA PHE B 63 24.67 -8.47 -22.26
C PHE B 63 23.97 -9.77 -22.63
N ASP B 64 24.62 -10.90 -22.34
CA ASP B 64 24.04 -12.23 -22.58
C ASP B 64 22.92 -12.53 -21.62
N TYR B 65 23.02 -11.99 -20.41
CA TYR B 65 22.04 -12.21 -19.35
C TYR B 65 21.65 -10.89 -18.78
N VAL B 66 20.38 -10.72 -18.47
CA VAL B 66 19.99 -9.60 -17.62
C VAL B 66 19.10 -10.14 -16.52
N PHE B 67 19.59 -10.05 -15.29
CA PHE B 67 18.82 -10.45 -14.11
C PHE B 67 18.30 -9.23 -13.45
N SER B 68 17.08 -8.84 -13.81
CA SER B 68 16.40 -7.73 -13.14
C SER B 68 15.75 -8.29 -11.91
N GLU B 69 15.50 -7.43 -10.94
CA GLU B 69 14.95 -7.85 -9.63
C GLU B 69 15.69 -9.06 -9.05
N ASN B 70 17.03 -8.99 -9.04
CA ASN B 70 17.88 -9.99 -8.37
C ASN B 70 17.94 -11.32 -9.09
N GLY B 71 17.24 -11.43 -10.22
CA GLY B 71 17.14 -12.69 -10.96
C GLY B 71 15.73 -13.20 -11.18
N LEU B 72 14.78 -12.55 -10.51
CA LEU B 72 13.39 -12.98 -10.48
C LEU B 72 12.66 -12.63 -11.78
N LEU B 73 13.26 -11.77 -12.61
CA LEU B 73 12.88 -11.69 -14.01
C LEU B 73 14.16 -11.65 -14.80
N ALA B 74 14.39 -12.68 -15.59
CA ALA B 74 15.69 -12.86 -16.14
C ALA B 74 15.59 -13.06 -17.61
N TYR B 75 16.53 -12.47 -18.31
CA TYR B 75 16.63 -12.58 -19.73
C TYR B 75 17.94 -13.29 -20.02
N LYS B 76 17.91 -14.12 -21.05
CA LYS B 76 19.09 -14.74 -21.61
C LYS B 76 18.95 -14.58 -23.12
N ASP B 77 19.95 -13.99 -23.76
CA ASP B 77 20.00 -13.85 -25.23
C ASP B 77 18.88 -13.03 -25.82
N GLY B 78 18.44 -11.99 -25.11
CA GLY B 78 17.40 -11.11 -25.62
C GLY B 78 15.98 -11.63 -25.46
N LYS B 79 15.78 -12.63 -24.60
CA LYS B 79 14.48 -13.27 -24.45
C LYS B 79 14.28 -13.56 -22.98
N GLU B 80 13.12 -13.19 -22.43
CA GLU B 80 12.79 -13.54 -21.05
C GLU B 80 12.75 -15.06 -20.90
N PHE B 81 13.37 -15.60 -19.85
CA PHE B 81 13.39 -17.06 -19.66
C PHE B 81 13.09 -17.52 -18.24
N HIS B 82 12.90 -16.59 -17.31
CA HIS B 82 12.47 -16.95 -15.97
C HIS B 82 11.77 -15.76 -15.32
N ARG B 83 10.63 -16.03 -14.68
CA ARG B 83 9.86 -15.03 -13.94
C ARG B 83 9.28 -15.68 -12.69
N ASN B 84 9.82 -15.37 -11.52
CA ASN B 84 9.19 -15.85 -10.30
C ASN B 84 8.16 -14.80 -9.88
N SER B 85 7.55 -15.00 -8.72
CA SER B 85 6.42 -14.22 -8.31
C SER B 85 6.28 -14.20 -6.80
N LEU B 86 6.36 -12.99 -6.28
CA LEU B 86 6.10 -12.68 -4.89
C LEU B 86 4.71 -13.13 -4.50
N LEU B 87 3.73 -12.76 -5.34
CA LEU B 87 2.34 -13.00 -5.02
C LEU B 87 2.19 -14.47 -4.81
N ARG B 88 2.65 -15.21 -5.79
CA ARG B 88 2.59 -16.65 -5.71
C ARG B 88 3.26 -17.18 -4.45
N ALA B 89 4.42 -16.61 -4.08
CA ALA B 89 5.22 -17.10 -2.96
C ALA B 89 4.55 -16.83 -1.62
N LEU B 90 3.90 -15.66 -1.48
CA LEU B 90 3.21 -15.29 -0.22
C LEU B 90 1.71 -15.53 -0.20
N GLY B 91 1.10 -15.43 -1.37
CA GLY B 91 -0.35 -15.46 -1.49
C GLY B 91 -0.89 -14.06 -1.31
N ASN B 92 -2.10 -13.85 -1.84
CA ASN B 92 -2.73 -12.58 -1.73
C ASN B 92 -2.87 -12.14 -0.30
N GLU B 93 -3.43 -13.02 0.53
CA GLU B 93 -3.80 -12.61 1.88
C GLU B 93 -2.63 -11.99 2.63
N LYS B 94 -1.46 -12.64 2.54
CA LYS B 94 -0.24 -12.10 3.17
C LYS B 94 0.24 -10.84 2.52
N VAL B 95 0.11 -10.73 1.19
CA VAL B 95 0.56 -9.52 0.49
C VAL B 95 -0.21 -8.30 0.99
N VAL B 96 -1.53 -8.42 0.99
CA VAL B 96 -2.39 -7.32 1.39
C VAL B 96 -2.12 -6.87 2.81
N ALA B 97 -1.87 -7.80 3.71
CA ALA B 97 -1.55 -7.46 5.09
C ALA B 97 -0.25 -6.66 5.16
N PHE B 98 0.74 -7.05 4.38
CA PHE B 98 2.02 -6.36 4.38
C PHE B 98 1.90 -4.93 3.88
N VAL B 99 1.34 -4.82 2.69
CA VAL B 99 1.09 -3.57 2.04
C VAL B 99 0.30 -2.60 2.96
N LYS B 100 -0.65 -3.13 3.72
CA LYS B 100 -1.48 -2.32 4.61
C LYS B 100 -0.70 -1.76 5.79
N LYS B 101 0.17 -2.58 6.38
CA LYS B 101 0.94 -2.14 7.53
C LYS B 101 1.94 -1.09 7.08
N CYS B 102 2.58 -1.33 5.93
CA CYS B 102 3.47 -0.35 5.31
C CYS B 102 2.79 0.99 5.18
N LEU B 103 1.67 1.01 4.52
CA LEU B 103 1.00 2.28 4.31
C LEU B 103 0.77 2.94 5.67
N HIS B 104 0.07 2.26 6.57
CA HIS B 104 -0.13 2.79 7.90
C HIS B 104 1.15 3.34 8.53
N LEU B 105 2.26 2.63 8.38
CA LEU B 105 3.51 3.07 9.02
C LEU B 105 4.06 4.31 8.33
N ILE B 106 4.16 4.27 7.01
CA ILE B 106 4.61 5.43 6.24
C ILE B 106 3.68 6.63 6.46
N ALA B 107 2.39 6.35 6.68
CA ALA B 107 1.40 7.39 6.98
C ALA B 107 1.51 7.98 8.37
N ASP B 108 2.26 7.35 9.27
CA ASP B 108 2.41 7.92 10.62
C ASP B 108 3.80 8.53 10.84
N LEU B 109 4.59 8.63 9.78
CA LEU B 109 5.98 9.08 9.90
C LEU B 109 6.11 10.58 10.11
N ASP B 110 6.92 10.93 11.11
CA ASP B 110 7.30 12.33 11.33
C ASP B 110 8.54 12.63 10.51
N ILE B 111 8.33 12.85 9.21
CA ILE B 111 9.41 13.25 8.32
C ILE B 111 8.86 14.37 7.44
N PRO B 112 9.71 15.34 7.09
CA PRO B 112 9.20 16.58 6.50
C PRO B 112 8.66 16.50 5.07
N VAL B 113 9.18 15.56 4.28
CA VAL B 113 8.85 15.47 2.86
C VAL B 113 8.36 14.09 2.50
N GLN B 114 7.22 14.03 1.83
CA GLN B 114 6.70 12.80 1.29
C GLN B 114 5.98 13.13 -0.02
N ARG B 115 6.11 12.24 -1.01
CA ARG B 115 5.65 12.51 -2.37
C ARG B 115 4.72 11.41 -2.85
N GLY B 116 5.25 10.35 -3.45
CA GLY B 116 4.38 9.31 -3.96
C GLY B 116 5.16 8.08 -4.35
N THR B 117 4.42 6.99 -4.57
CA THR B 117 4.95 5.66 -4.77
C THR B 117 5.76 5.25 -3.53
N PHE B 118 5.02 4.89 -2.49
CA PHE B 118 5.60 4.54 -1.18
C PHE B 118 5.79 3.05 -1.01
N VAL B 119 4.95 2.26 -1.68
CA VAL B 119 5.04 0.82 -1.63
C VAL B 119 4.87 0.32 -3.05
N GLU B 120 5.97 -0.02 -3.68
CA GLU B 120 5.94 -0.47 -5.05
C GLU B 120 6.03 -2.00 -5.04
N PHE B 121 5.16 -2.64 -5.82
CA PHE B 121 5.06 -4.08 -5.86
C PHE B 121 5.54 -4.51 -7.23
N ARG B 122 6.70 -5.16 -7.22
CA ARG B 122 7.29 -5.67 -8.44
C ARG B 122 7.00 -7.17 -8.50
N ASN B 123 7.63 -7.86 -9.45
CA ASN B 123 7.46 -9.29 -9.58
C ASN B 123 7.90 -10.06 -8.34
N GLY B 124 9.16 -9.93 -7.95
CA GLY B 124 9.63 -10.72 -6.84
C GLY B 124 9.96 -9.95 -5.58
N MET B 125 9.46 -8.72 -5.43
CA MET B 125 9.81 -7.93 -4.24
C MET B 125 8.98 -6.68 -4.08
N PHE B 126 8.84 -6.20 -2.84
CA PHE B 126 8.30 -4.89 -2.59
C PHE B 126 9.49 -4.00 -2.58
N ASN B 127 9.29 -2.73 -2.97
CA ASN B 127 10.27 -1.68 -2.73
C ASN B 127 9.51 -0.68 -1.90
N VAL B 128 10.05 -0.30 -0.74
CA VAL B 128 9.32 0.57 0.17
C VAL B 128 10.12 1.82 0.40
N SER B 129 9.45 2.97 0.33
CA SER B 129 10.13 4.28 0.40
C SER B 129 9.34 5.22 1.32
N PRO B 130 9.95 5.67 2.43
CA PRO B 130 9.20 6.54 3.32
C PRO B 130 8.84 7.88 2.66
N ILE B 131 9.76 8.38 1.85
CA ILE B 131 9.55 9.61 1.08
C ILE B 131 8.72 9.37 -0.18
N GLY B 132 8.85 8.20 -0.78
CA GLY B 132 8.17 7.91 -2.02
C GLY B 132 9.16 8.06 -3.15
N ARG B 133 9.09 7.13 -4.09
CA ARG B 133 10.00 7.11 -5.23
C ARG B 133 9.65 8.22 -6.19
N ASN B 134 8.52 8.86 -6.02
CA ASN B 134 8.12 9.95 -6.90
C ASN B 134 8.77 11.29 -6.56
N CYS B 135 9.71 11.32 -5.63
CA CYS B 135 10.38 12.58 -5.26
C CYS B 135 11.50 12.98 -6.24
N SER B 136 11.91 14.24 -6.20
CA SER B 136 12.92 14.77 -7.12
C SER B 136 14.33 14.31 -6.77
N GLN B 137 15.31 14.59 -7.63
CA GLN B 137 16.66 14.16 -7.33
C GLN B 137 17.18 14.88 -6.09
N GLN B 138 16.92 16.17 -5.96
CA GLN B 138 17.35 16.85 -4.76
C GLN B 138 16.65 16.33 -3.51
N GLU B 139 15.36 16.02 -3.61
CA GLU B 139 14.61 15.50 -2.45
C GLU B 139 15.16 14.15 -2.00
N ARG B 140 15.50 13.30 -2.96
CA ARG B 140 16.21 12.04 -2.70
C ARG B 140 17.46 12.24 -1.84
N ASP B 141 18.18 13.33 -2.10
CA ASP B 141 19.40 13.60 -1.38
C ASP B 141 19.13 14.10 0.05
N GLU B 142 18.23 15.07 0.19
CA GLU B 142 17.85 15.61 1.50
C GLU B 142 17.34 14.49 2.41
N PHE B 143 16.62 13.53 1.82
CA PHE B 143 16.18 12.34 2.56
C PHE B 143 17.32 11.40 2.94
N GLU B 144 18.12 10.95 1.96
CA GLU B 144 19.22 10.00 2.24
C GLU B 144 20.02 10.46 3.43
N ASN B 145 20.26 11.76 3.46
CA ASN B 145 20.83 12.40 4.62
C ASN B 145 19.98 12.17 5.84
N LEU B 146 18.76 12.70 5.81
CA LEU B 146 17.84 12.53 6.93
C LEU B 146 17.96 11.12 7.55
N ASP B 147 17.93 10.09 6.71
CA ASP B 147 17.94 8.71 7.18
C ASP B 147 19.30 8.31 7.78
N LYS B 148 20.38 8.90 7.32
CA LYS B 148 21.67 8.65 7.95
C LYS B 148 21.68 9.04 9.44
N GLU B 149 20.94 10.08 9.81
CA GLU B 149 20.87 10.52 11.20
C GLU B 149 19.67 9.96 11.96
N ARG B 150 18.58 9.67 11.27
CA ARG B 150 17.37 9.24 11.97
C ARG B 150 17.03 7.77 11.77
N HIS B 151 17.70 7.11 10.82
CA HIS B 151 17.49 5.69 10.59
C HIS B 151 16.00 5.34 10.42
N ILE B 152 15.30 6.20 9.71
CA ILE B 152 13.87 5.99 9.49
C ILE B 152 13.64 4.65 8.81
N ARG B 153 14.42 4.36 7.78
CA ARG B 153 14.34 3.07 7.08
C ARG B 153 14.69 1.91 7.99
N GLU B 154 15.63 2.12 8.91
CA GLU B 154 16.03 1.09 9.84
C GLU B 154 14.89 0.80 10.79
N LYS B 155 14.24 1.84 11.28
CA LYS B 155 13.07 1.69 12.16
C LYS B 155 11.94 0.96 11.44
N LEU B 156 11.69 1.36 10.20
CA LEU B 156 10.58 0.83 9.41
C LEU B 156 10.76 -0.67 9.18
N ILE B 157 12.00 -1.07 8.92
CA ILE B 157 12.32 -2.47 8.76
C ILE B 157 12.09 -3.27 10.05
N ARG B 158 12.52 -2.74 11.19
CA ARG B 158 12.27 -3.39 12.48
C ARG B 158 10.78 -3.52 12.77
N GLU B 159 10.05 -2.45 12.48
CA GLU B 159 8.62 -2.45 12.72
C GLU B 159 7.90 -3.52 11.89
N LEU B 160 8.30 -3.66 10.64
CA LEU B 160 7.78 -4.71 9.75
C LEU B 160 8.10 -6.15 10.20
N LYS B 161 9.33 -6.39 10.67
CA LYS B 161 9.75 -7.73 11.10
C LYS B 161 9.04 -8.09 12.39
N GLU B 162 8.83 -7.09 13.22
CA GLU B 162 8.09 -7.29 14.44
C GLU B 162 6.66 -7.67 14.06
N ALA B 163 6.04 -6.91 13.15
CA ALA B 163 4.66 -7.20 12.67
C ALA B 163 4.50 -8.57 12.02
N PHE B 164 5.52 -8.96 11.27
CA PHE B 164 5.45 -10.10 10.38
C PHE B 164 6.68 -11.02 10.51
N PRO B 165 6.97 -11.53 11.72
CA PRO B 165 8.17 -12.37 11.86
C PRO B 165 7.98 -13.73 11.16
N ASP B 166 6.73 -14.17 11.10
CA ASP B 166 6.39 -15.45 10.49
C ASP B 166 6.39 -15.43 8.98
N TYR B 167 6.56 -14.26 8.34
CA TYR B 167 6.49 -14.15 6.86
C TYR B 167 7.72 -14.64 6.10
N GLN B 168 8.83 -14.79 6.82
CA GLN B 168 10.12 -15.23 6.29
C GLN B 168 10.64 -14.33 5.13
N LEU B 169 10.86 -13.06 5.47
CA LEU B 169 11.26 -12.02 4.50
C LEU B 169 12.60 -11.44 4.84
N ALA B 170 13.22 -10.89 3.81
CA ALA B 170 14.50 -10.25 3.94
C ALA B 170 14.30 -8.79 3.54
N TYR B 171 15.11 -7.96 4.16
CA TYR B 171 15.00 -6.51 4.04
C TYR B 171 16.35 -5.98 3.63
N SER B 172 16.50 -5.69 2.35
CA SER B 172 17.75 -5.18 1.80
C SER B 172 17.59 -3.69 1.60
N VAL B 173 18.53 -2.92 2.08
CA VAL B 173 18.53 -1.50 1.80
C VAL B 173 19.72 -1.20 0.88
N GLY B 174 19.45 -1.24 -0.43
CA GLY B 174 20.34 -0.67 -1.46
C GLY B 174 19.63 0.59 -1.93
N GLY B 175 20.37 1.58 -2.38
CA GLY B 175 19.75 2.82 -2.85
C GLY B 175 19.41 3.86 -1.78
N GLN B 176 19.32 5.11 -2.25
CA GLN B 176 19.08 6.31 -1.43
C GLN B 176 17.80 6.34 -0.61
N ILE B 177 16.67 5.95 -1.21
CA ILE B 177 15.38 6.32 -0.63
C ILE B 177 14.46 5.18 -0.28
N SER B 178 14.93 3.95 -0.45
CA SER B 178 14.07 2.80 -0.27
C SER B 178 14.78 1.64 0.34
N PHE B 179 14.02 0.59 0.59
CA PHE B 179 14.60 -0.71 0.89
C PHE B 179 13.76 -1.78 0.21
N ASP B 180 14.42 -2.84 -0.21
CA ASP B 180 13.80 -3.94 -0.89
C ASP B 180 13.33 -4.96 0.14
N VAL B 181 12.18 -5.57 -0.13
CA VAL B 181 11.69 -6.63 0.73
C VAL B 181 11.39 -7.84 -0.13
N PHE B 182 11.98 -9.00 0.21
CA PHE B 182 11.74 -10.21 -0.58
C PHE B 182 11.99 -11.42 0.26
N PRO B 183 11.37 -12.57 -0.09
CA PRO B 183 11.61 -13.86 0.57
C PRO B 183 13.08 -14.17 0.84
N LYS B 184 13.38 -14.73 2.00
CA LYS B 184 14.75 -15.11 2.33
C LYS B 184 15.25 -15.91 1.14
N GLY B 185 16.49 -15.67 0.71
CA GLY B 185 17.05 -16.40 -0.43
C GLY B 185 16.80 -15.78 -1.80
N TRP B 186 16.08 -14.68 -1.84
CA TRP B 186 15.76 -14.00 -3.09
C TRP B 186 16.63 -12.77 -3.31
N ASP B 187 17.74 -12.71 -2.60
CA ASP B 187 18.76 -11.69 -2.83
C ASP B 187 19.50 -12.05 -4.13
N LYS B 188 20.49 -11.25 -4.51
CA LYS B 188 21.21 -11.43 -5.80
C LYS B 188 21.81 -12.84 -6.08
N THR B 189 22.03 -13.64 -5.03
CA THR B 189 22.49 -15.01 -5.25
C THR B 189 21.44 -15.85 -6.00
N TYR B 190 20.17 -15.47 -5.92
CA TYR B 190 19.10 -16.16 -6.67
C TYR B 190 19.50 -16.38 -8.16
N CYS B 191 20.23 -15.46 -8.77
CA CYS B 191 20.54 -15.63 -10.19
C CYS B 191 21.59 -16.67 -10.47
N LEU B 192 22.38 -17.04 -9.49
CA LEU B 192 23.47 -18.00 -9.70
C LEU B 192 23.04 -19.42 -10.16
N GLN B 193 21.79 -19.78 -9.92
CA GLN B 193 21.29 -21.08 -10.30
C GLN B 193 21.18 -21.18 -11.80
N PHE B 194 21.02 -20.04 -12.46
CA PHE B 194 20.84 -19.97 -13.91
C PHE B 194 22.15 -19.90 -14.68
N VAL B 195 23.24 -20.00 -13.95
CA VAL B 195 24.55 -19.74 -14.51
C VAL B 195 25.62 -20.76 -14.06
N GLU B 196 25.46 -21.34 -12.88
CA GLU B 196 26.48 -22.24 -12.33
C GLU B 196 26.74 -23.47 -13.19
N ASN B 197 25.75 -23.89 -13.96
CA ASN B 197 25.89 -25.12 -14.71
C ASN B 197 26.63 -24.93 -16.03
N ASP B 198 26.58 -23.72 -16.57
CA ASP B 198 27.10 -23.46 -17.92
C ASP B 198 28.54 -22.95 -17.92
N PHE B 199 28.95 -22.37 -16.79
CA PHE B 199 30.24 -21.73 -16.65
C PHE B 199 31.09 -22.34 -15.56
N GLU B 200 32.38 -22.46 -15.80
CA GLU B 200 33.29 -22.99 -14.80
C GLU B 200 33.73 -21.89 -13.83
N THR B 201 33.65 -20.63 -14.23
CA THR B 201 34.06 -19.53 -13.35
C THR B 201 33.10 -18.35 -13.47
N ILE B 202 32.91 -17.62 -12.38
CA ILE B 202 31.91 -16.56 -12.31
C ILE B 202 32.43 -15.36 -11.54
N HIS B 203 32.83 -14.32 -12.26
CA HIS B 203 33.30 -13.11 -11.63
C HIS B 203 32.09 -12.28 -11.28
N PHE B 204 32.03 -11.76 -10.05
CA PHE B 204 31.03 -10.78 -9.72
C PHE B 204 31.67 -9.46 -9.28
N PHE B 205 31.28 -8.37 -9.96
CA PHE B 205 31.71 -7.01 -9.65
C PHE B 205 30.56 -6.26 -8.98
N GLY B 206 30.83 -5.58 -7.87
CA GLY B 206 29.79 -4.86 -7.14
C GLY B 206 30.36 -3.85 -6.17
N ASP B 207 29.56 -2.87 -5.79
CA ASP B 207 30.01 -1.76 -4.96
C ASP B 207 29.36 -1.77 -3.56
N LYS B 208 28.61 -2.82 -3.25
CA LYS B 208 27.85 -2.88 -1.99
C LYS B 208 28.05 -4.23 -1.28
N THR B 209 29.33 -4.52 -1.04
CA THR B 209 29.80 -5.87 -0.79
C THR B 209 30.09 -6.14 0.66
N SER B 210 30.22 -5.08 1.45
CA SER B 210 30.36 -5.24 2.87
C SER B 210 29.00 -5.58 3.52
N GLU B 211 29.02 -6.20 4.69
CA GLU B 211 27.79 -6.75 5.28
C GLU B 211 26.71 -5.68 5.40
N GLY B 212 25.48 -6.04 5.09
CA GLY B 212 24.41 -5.07 5.03
C GLY B 212 24.09 -4.77 3.59
N GLY B 213 25.14 -4.61 2.77
CA GLY B 213 24.97 -4.23 1.38
C GLY B 213 24.28 -5.30 0.58
N ASN B 214 23.78 -4.94 -0.59
CA ASN B 214 23.01 -5.90 -1.38
C ASN B 214 23.85 -6.70 -2.39
N ASP B 215 25.15 -6.48 -2.34
CA ASP B 215 26.07 -7.38 -3.04
C ASP B 215 26.82 -8.30 -2.09
N TYR B 216 26.56 -8.17 -0.78
CA TYR B 216 27.26 -8.98 0.21
C TYR B 216 27.10 -10.47 -0.07
N GLU B 217 25.86 -10.91 -0.19
CA GLU B 217 25.62 -12.34 -0.29
C GLU B 217 26.34 -12.94 -1.49
N ILE B 218 26.27 -12.27 -2.62
CA ILE B 218 26.83 -12.79 -3.85
C ILE B 218 28.32 -12.60 -3.94
N PHE B 219 28.83 -11.57 -3.30
CA PHE B 219 30.27 -11.34 -3.22
C PHE B 219 30.93 -12.45 -2.44
N THR B 220 30.24 -12.91 -1.43
CA THR B 220 30.75 -13.90 -0.51
C THR B 220 30.32 -15.30 -0.88
N ASP B 221 29.55 -15.47 -1.93
CA ASP B 221 29.23 -16.81 -2.36
C ASP B 221 30.49 -17.50 -2.94
N SER B 222 30.70 -18.76 -2.55
CA SER B 222 31.84 -19.54 -2.98
C SER B 222 31.90 -19.74 -4.48
N ARG B 223 30.77 -19.69 -5.16
CA ARG B 223 30.71 -19.91 -6.61
C ARG B 223 31.27 -18.74 -7.43
N THR B 224 31.54 -17.64 -6.75
CA THR B 224 31.79 -16.39 -7.39
C THR B 224 33.18 -15.84 -7.04
N ILE B 225 33.98 -15.54 -8.06
CA ILE B 225 35.15 -14.69 -7.90
C ILE B 225 34.64 -13.26 -7.79
N GLY B 226 34.77 -12.68 -6.62
CA GLY B 226 34.08 -11.44 -6.33
C GLY B 226 35.03 -10.28 -6.32
N HIS B 227 34.60 -9.17 -6.91
CA HIS B 227 35.43 -7.98 -7.04
C HIS B 227 34.72 -6.78 -6.37
N SER B 228 35.44 -6.10 -5.47
CA SER B 228 34.85 -4.99 -4.76
C SER B 228 35.31 -3.69 -5.39
N VAL B 229 34.36 -2.90 -5.88
CA VAL B 229 34.68 -1.63 -6.54
C VAL B 229 34.04 -0.41 -5.89
N LYS B 230 34.77 0.71 -5.91
CA LYS B 230 34.27 1.98 -5.42
C LYS B 230 33.54 2.73 -6.53
N THR B 231 34.08 2.70 -7.75
CA THR B 231 33.52 3.42 -8.91
C THR B 231 33.69 2.60 -10.17
N TYR B 232 32.88 2.88 -11.18
CA TYR B 232 32.93 2.13 -12.45
C TYR B 232 34.33 2.18 -13.05
N LYS B 233 35.03 3.29 -12.83
CA LYS B 233 36.43 3.39 -13.18
C LYS B 233 37.22 2.18 -12.70
N ASP B 234 36.94 1.73 -11.48
CA ASP B 234 37.62 0.58 -10.90
C ASP B 234 37.32 -0.66 -11.68
N THR B 235 36.06 -0.78 -12.09
CA THR B 235 35.60 -1.93 -12.85
C THR B 235 36.39 -2.09 -14.16
N ILE B 236 36.44 -1.04 -14.95
CA ILE B 236 37.22 -1.07 -16.18
C ILE B 236 38.63 -1.56 -15.93
N ALA B 237 39.24 -1.00 -14.89
CA ALA B 237 40.64 -1.28 -14.57
C ALA B 237 40.84 -2.77 -14.33
N ILE B 238 39.95 -3.37 -13.56
CA ILE B 238 40.02 -4.79 -13.30
C ILE B 238 39.85 -5.60 -14.58
N LEU B 239 38.90 -5.16 -15.42
CA LEU B 239 38.65 -5.79 -16.71
C LEU B 239 39.86 -5.70 -17.60
N GLU B 240 40.36 -4.49 -17.81
CA GLU B 240 41.54 -4.29 -18.65
C GLU B 240 42.68 -5.20 -18.21
N ALA B 241 42.79 -5.41 -16.90
CA ALA B 241 43.78 -6.32 -16.30
C ALA B 241 43.47 -7.79 -16.56
N LEU B 242 42.23 -8.20 -16.35
CA LEU B 242 41.83 -9.59 -16.55
C LEU B 242 42.14 -10.06 -17.97
N LEU B 243 42.02 -9.13 -18.92
CA LEU B 243 42.34 -9.38 -20.31
C LEU B 243 43.85 -9.51 -20.59
N GLU B 244 44.66 -9.50 -19.50
CA GLU B 244 46.03 -10.03 -19.51
C GLU B 244 46.09 -11.49 -19.01
N ASP B 245 46.54 -12.34 -19.94
CA ASP B 245 46.82 -13.77 -19.73
C ASP B 245 47.20 -14.34 -21.10
N LYS C 4 -5.18 27.12 -39.90
CA LYS C 4 -6.60 27.27 -39.50
C LYS C 4 -6.97 26.34 -38.34
N ALA C 5 -6.56 25.08 -38.41
CA ALA C 5 -7.11 24.05 -37.51
C ALA C 5 -6.13 23.05 -36.84
N ILE C 6 -6.56 22.54 -35.68
CA ILE C 6 -5.79 21.61 -34.88
C ILE C 6 -6.68 20.46 -34.42
N LEU C 7 -6.13 19.24 -34.40
CA LEU C 7 -6.89 18.07 -33.98
C LEU C 7 -6.39 17.51 -32.65
N LEU C 8 -7.20 17.65 -31.61
CA LEU C 8 -6.85 17.18 -30.26
C LEU C 8 -7.41 15.83 -29.97
N PHE C 9 -6.54 14.92 -29.53
CA PHE C 9 -6.97 13.57 -29.26
C PHE C 9 -6.69 13.20 -27.83
N ASP C 10 -7.64 12.47 -27.25
CA ASP C 10 -7.42 11.72 -26.05
C ASP C 10 -6.63 10.49 -26.53
N VAL C 11 -5.74 9.94 -25.72
CA VAL C 11 -4.94 8.78 -26.18
C VAL C 11 -5.73 7.45 -26.19
N ASP C 12 -6.10 6.96 -25.01
CA ASP C 12 -6.54 5.57 -24.89
C ASP C 12 -8.01 5.43 -25.26
N GLY C 13 -8.31 4.34 -25.99
CA GLY C 13 -9.64 4.12 -26.55
C GLY C 13 -10.10 5.24 -27.46
N THR C 14 -9.15 5.93 -28.09
CA THR C 14 -9.48 7.06 -28.97
C THR C 14 -8.48 7.06 -30.13
N LEU C 15 -7.19 7.02 -29.81
CA LEU C 15 -6.12 6.78 -30.79
C LEU C 15 -5.63 5.36 -30.68
N THR C 16 -5.96 4.70 -29.58
CA THR C 16 -5.51 3.34 -29.37
C THR C 16 -6.69 2.44 -29.05
N PRO C 17 -6.47 1.13 -29.13
CA PRO C 17 -7.37 0.25 -28.41
C PRO C 17 -7.16 0.51 -26.91
N PRO C 18 -8.01 -0.09 -26.06
CA PRO C 18 -7.89 0.26 -24.66
C PRO C 18 -6.77 -0.57 -24.01
N ARG C 19 -5.86 0.12 -23.31
CA ARG C 19 -4.72 -0.50 -22.62
C ARG C 19 -3.69 -1.08 -23.61
N ASN C 20 -3.68 -0.54 -24.83
CA ASN C 20 -2.94 -1.12 -25.94
C ASN C 20 -2.27 -0.06 -26.81
N PRO C 21 -1.26 -0.47 -27.60
CA PRO C 21 -0.58 0.46 -28.48
C PRO C 21 -1.43 0.92 -29.67
N GLU C 22 -1.07 2.09 -30.19
CA GLU C 22 -1.60 2.64 -31.42
C GLU C 22 -1.54 1.66 -32.59
N THR C 23 -2.64 1.55 -33.36
CA THR C 23 -2.70 0.66 -34.53
C THR C 23 -2.07 1.34 -35.73
N HIS C 24 -1.88 0.60 -36.80
CA HIS C 24 -1.20 1.14 -37.97
C HIS C 24 -2.06 2.13 -38.73
N ASP C 25 -3.29 1.72 -39.04
CA ASP C 25 -4.24 2.61 -39.72
C ASP C 25 -4.36 3.96 -39.00
N MET C 26 -4.39 3.93 -37.68
CA MET C 26 -4.51 5.16 -36.88
C MET C 26 -3.36 6.13 -37.17
N LYS C 27 -2.13 5.62 -37.13
CA LYS C 27 -0.95 6.41 -37.45
C LYS C 27 -1.01 6.94 -38.89
N GLU C 28 -1.48 6.09 -39.80
CA GLU C 28 -1.69 6.43 -41.22
C GLU C 28 -2.61 7.63 -41.38
N ALA C 29 -3.85 7.48 -40.90
CA ALA C 29 -4.89 8.51 -40.99
C ALA C 29 -4.44 9.81 -40.34
N LEU C 30 -3.46 9.71 -39.44
CA LEU C 30 -2.87 10.87 -38.82
C LEU C 30 -1.82 11.54 -39.70
N LEU C 31 -1.01 10.75 -40.40
CA LEU C 31 -0.05 11.34 -41.34
C LEU C 31 -0.81 12.13 -42.39
N LYS C 32 -1.71 11.42 -43.08
CA LYS C 32 -2.56 12.00 -44.09
C LYS C 32 -3.08 13.36 -43.60
N ALA C 33 -3.81 13.32 -42.50
CA ALA C 33 -4.32 14.54 -41.88
C ALA C 33 -3.24 15.60 -41.81
N ARG C 34 -2.13 15.24 -41.17
CA ARG C 34 -1.06 16.18 -40.89
C ARG C 34 -0.41 16.69 -42.19
N ALA C 35 -0.22 15.78 -43.14
CA ALA C 35 0.26 16.13 -44.47
C ALA C 35 -0.73 17.05 -45.18
N ALA C 36 -2.02 16.85 -44.92
CA ALA C 36 -3.07 17.69 -45.51
C ALA C 36 -3.27 19.03 -44.77
N GLY C 37 -2.27 19.46 -44.02
CA GLY C 37 -2.22 20.80 -43.46
C GLY C 37 -2.87 20.94 -42.10
N PHE C 38 -3.22 19.81 -41.48
CA PHE C 38 -3.78 19.82 -40.13
C PHE C 38 -2.66 19.79 -39.08
N LYS C 39 -2.83 20.55 -38.00
CA LYS C 39 -1.98 20.40 -36.86
C LYS C 39 -2.58 19.38 -35.88
N LEU C 40 -1.68 18.64 -35.20
CA LEU C 40 -2.05 17.52 -34.34
C LEU C 40 -1.55 17.70 -32.90
N GLY C 41 -2.45 17.45 -31.97
CA GLY C 41 -2.10 17.44 -30.57
C GLY C 41 -2.77 16.25 -29.92
N VAL C 42 -2.25 15.88 -28.75
CA VAL C 42 -2.76 14.76 -28.00
C VAL C 42 -2.81 15.22 -26.54
N VAL C 43 -3.85 14.81 -25.82
CA VAL C 43 -4.04 15.24 -24.43
C VAL C 43 -4.56 14.09 -23.59
N GLY C 44 -4.02 13.91 -22.39
CA GLY C 44 -4.48 12.86 -21.51
C GLY C 44 -3.96 13.00 -20.11
N GLY C 45 -4.73 12.53 -19.14
CA GLY C 45 -4.31 12.48 -17.74
C GLY C 45 -2.98 11.77 -17.50
N SER C 46 -2.72 10.70 -18.23
CA SER C 46 -1.47 9.96 -18.05
C SER C 46 -0.26 10.86 -18.28
N ASP C 47 0.91 10.42 -17.77
CA ASP C 47 2.15 11.20 -17.85
C ASP C 47 2.93 10.90 -19.14
N PHE C 48 3.68 11.87 -19.64
CA PHE C 48 4.34 11.73 -20.95
C PHE C 48 4.89 10.33 -21.16
N ALA C 49 5.54 9.81 -20.14
CA ALA C 49 6.13 8.48 -20.21
C ALA C 49 5.10 7.50 -20.75
N LYS C 50 3.97 7.39 -20.08
CA LYS C 50 2.93 6.49 -20.54
C LYS C 50 2.48 6.80 -21.96
N GLN C 51 2.27 8.07 -22.25
CA GLN C 51 1.81 8.46 -23.56
C GLN C 51 2.74 7.88 -24.61
N LYS C 52 4.04 8.07 -24.40
CA LYS C 52 5.08 7.55 -25.29
C LYS C 52 5.00 6.03 -25.49
N GLU C 53 4.64 5.29 -24.45
CA GLU C 53 4.57 3.83 -24.58
C GLU C 53 3.32 3.40 -25.36
N GLN C 54 2.34 4.29 -25.48
CA GLN C 54 1.15 4.00 -26.27
C GLN C 54 1.27 4.46 -27.71
N LEU C 55 1.84 5.64 -27.92
CA LEU C 55 1.94 6.18 -29.25
C LEU C 55 3.31 5.94 -29.85
N GLY C 56 4.17 5.23 -29.11
CA GLY C 56 5.51 4.88 -29.60
C GLY C 56 6.56 5.90 -29.20
N GLU C 57 7.82 5.54 -29.38
CA GLU C 57 8.92 6.44 -29.08
C GLU C 57 8.92 7.69 -29.97
N SER C 58 8.57 7.56 -31.25
CA SER C 58 8.59 8.71 -32.16
C SER C 58 7.42 9.67 -31.94
N ILE C 59 6.59 9.40 -30.93
CA ILE C 59 5.50 10.29 -30.49
C ILE C 59 5.73 11.78 -30.69
N LEU C 60 6.93 12.27 -30.38
CA LEU C 60 7.20 13.71 -30.44
C LEU C 60 7.45 14.22 -31.85
N GLU C 61 7.79 13.35 -32.79
CA GLU C 61 7.86 13.76 -34.20
C GLU C 61 6.62 13.27 -34.93
N ASP C 62 5.61 12.86 -34.19
CA ASP C 62 4.30 12.46 -34.74
C ASP C 62 3.24 13.52 -34.49
N PHE C 63 3.37 14.26 -33.39
CA PHE C 63 2.39 15.24 -32.96
C PHE C 63 3.08 16.58 -32.75
N ASP C 64 2.33 17.67 -32.93
CA ASP C 64 2.88 19.01 -32.72
C ASP C 64 2.76 19.41 -31.26
N TYR C 65 1.76 18.84 -30.59
CA TYR C 65 1.57 19.09 -29.16
C TYR C 65 1.38 17.80 -28.40
N VAL C 66 2.19 17.61 -27.37
CA VAL C 66 1.91 16.56 -26.42
C VAL C 66 1.59 17.24 -25.10
N PHE C 67 0.38 17.01 -24.64
CA PHE C 67 -0.09 17.59 -23.39
C PHE C 67 -0.22 16.42 -22.43
N SER C 68 0.81 16.20 -21.64
CA SER C 68 0.70 15.22 -20.58
C SER C 68 0.04 15.90 -19.40
N GLU C 69 -0.53 15.09 -18.51
CA GLU C 69 -1.21 15.55 -17.31
C GLU C 69 -2.19 16.71 -17.59
N ASN C 70 -3.01 16.56 -18.64
CA ASN C 70 -4.00 17.56 -19.06
C ASN C 70 -3.37 18.84 -19.63
N GLY C 71 -2.08 18.76 -19.97
CA GLY C 71 -1.31 19.92 -20.39
C GLY C 71 -0.42 20.55 -19.31
N LEU C 72 -0.51 20.04 -18.08
CA LEU C 72 0.32 20.54 -16.97
C LEU C 72 1.82 20.30 -17.21
N LEU C 73 2.12 19.38 -18.12
CA LEU C 73 3.47 19.20 -18.60
C LEU C 73 3.29 19.03 -20.09
N ALA C 74 3.77 20.01 -20.84
CA ALA C 74 3.35 20.10 -22.20
C ALA C 74 4.52 20.37 -23.12
N TYR C 75 4.45 19.75 -24.30
CA TYR C 75 5.50 19.79 -25.28
C TYR C 75 5.00 20.40 -26.57
N LYS C 76 5.87 21.14 -27.25
CA LYS C 76 5.55 21.71 -28.57
C LYS C 76 6.71 21.48 -29.55
N ASP C 77 6.38 20.88 -30.69
CA ASP C 77 7.36 20.61 -31.73
C ASP C 77 8.61 20.00 -31.10
N GLY C 78 8.38 18.92 -30.36
CA GLY C 78 9.45 18.18 -29.71
C GLY C 78 10.23 18.87 -28.59
N LYS C 79 9.73 19.99 -28.07
CA LYS C 79 10.40 20.66 -26.94
C LYS C 79 9.40 20.90 -25.83
N GLU C 80 9.86 20.84 -24.58
CA GLU C 80 9.01 21.23 -23.47
C GLU C 80 8.74 22.71 -23.58
N PHE C 81 7.57 23.15 -23.13
CA PHE C 81 7.28 24.58 -23.08
C PHE C 81 6.38 25.02 -21.92
N HIS C 82 6.03 24.09 -21.04
CA HIS C 82 5.20 24.39 -19.89
C HIS C 82 5.34 23.28 -18.86
N ARG C 83 5.67 23.66 -17.64
CA ARG C 83 5.76 22.71 -16.53
C ARG C 83 5.13 23.33 -15.32
N ASN C 84 3.86 23.04 -15.10
CA ASN C 84 3.24 23.41 -13.84
C ASN C 84 3.71 22.46 -12.73
N SER C 85 3.20 22.63 -11.52
CA SER C 85 3.70 21.88 -10.39
C SER C 85 2.74 21.88 -9.24
N LEU C 86 2.09 20.74 -9.04
CA LEU C 86 1.20 20.54 -7.90
C LEU C 86 1.86 21.03 -6.62
N LEU C 87 3.14 20.70 -6.45
CA LEU C 87 3.94 21.10 -5.28
C LEU C 87 3.91 22.61 -5.12
N ARG C 88 4.33 23.33 -6.16
CA ARG C 88 4.35 24.76 -6.06
C ARG C 88 2.96 25.22 -5.64
N ALA C 89 1.93 24.76 -6.33
CA ALA C 89 0.54 25.17 -6.06
C ALA C 89 0.06 24.96 -4.62
N LEU C 90 0.38 23.84 -4.00
CA LEU C 90 -0.11 23.57 -2.64
C LEU C 90 0.96 23.79 -1.57
N GLY C 91 2.22 23.78 -1.96
CA GLY C 91 3.31 23.81 -1.00
C GLY C 91 3.55 22.42 -0.43
N ASN C 92 4.71 22.27 0.17
CA ASN C 92 5.10 20.96 0.67
C ASN C 92 4.15 20.45 1.73
N GLU C 93 3.59 21.34 2.52
CA GLU C 93 2.89 20.93 3.72
C GLU C 93 1.53 20.37 3.35
N LYS C 94 0.79 21.08 2.51
CA LYS C 94 -0.52 20.60 2.04
C LYS C 94 -0.42 19.25 1.32
N VAL C 95 0.63 19.07 0.53
CA VAL C 95 0.85 17.78 -0.10
C VAL C 95 0.95 16.65 0.94
N VAL C 96 1.90 16.73 1.86
CA VAL C 96 2.13 15.59 2.78
C VAL C 96 0.89 15.27 3.65
N ALA C 97 0.16 16.30 4.06
CA ALA C 97 -1.09 16.11 4.79
C ALA C 97 -2.11 15.30 3.98
N PHE C 98 -2.06 15.48 2.66
CA PHE C 98 -3.03 14.87 1.77
C PHE C 98 -2.63 13.43 1.49
N VAL C 99 -1.43 13.28 0.98
CA VAL C 99 -0.81 11.99 0.83
C VAL C 99 -1.05 11.14 2.09
N LYS C 100 -0.78 11.70 3.26
CA LYS C 100 -0.86 10.89 4.46
C LYS C 100 -2.26 10.33 4.72
N LYS C 101 -3.28 11.12 4.41
CA LYS C 101 -4.67 10.70 4.65
C LYS C 101 -5.03 9.62 3.64
N CYS C 102 -4.71 9.85 2.36
CA CYS C 102 -4.85 8.82 1.32
C CYS C 102 -4.33 7.46 1.77
N LEU C 103 -3.11 7.44 2.31
CA LEU C 103 -2.51 6.19 2.74
C LEU C 103 -3.37 5.53 3.83
N HIS C 104 -3.72 6.32 4.84
CA HIS C 104 -4.55 5.85 5.93
C HIS C 104 -5.87 5.26 5.42
N LEU C 105 -6.58 6.00 4.56
CA LEU C 105 -7.86 5.51 4.08
C LEU C 105 -7.65 4.26 3.28
N ILE C 106 -6.77 4.36 2.29
CA ILE C 106 -6.45 3.22 1.45
C ILE C 106 -6.05 2.01 2.31
N ALA C 107 -5.22 2.21 3.33
CA ALA C 107 -4.82 1.10 4.22
C ALA C 107 -5.97 0.53 5.04
N ASP C 108 -7.01 1.34 5.27
CA ASP C 108 -8.20 0.89 6.00
C ASP C 108 -9.22 0.21 5.09
N LEU C 109 -9.03 0.29 3.77
CA LEU C 109 -10.00 -0.30 2.82
C LEU C 109 -10.14 -1.81 2.96
N ASP C 110 -11.36 -2.30 2.78
CA ASP C 110 -11.66 -3.71 2.99
C ASP C 110 -11.96 -4.36 1.65
N ILE C 111 -10.96 -4.50 0.81
CA ILE C 111 -11.18 -4.99 -0.53
C ILE C 111 -10.29 -6.16 -0.75
N PRO C 112 -10.60 -6.98 -1.75
CA PRO C 112 -9.87 -8.22 -1.83
C PRO C 112 -8.39 -8.04 -2.22
N VAL C 113 -8.10 -7.17 -3.18
CA VAL C 113 -6.76 -7.11 -3.75
C VAL C 113 -6.17 -5.73 -3.64
N GLN C 114 -4.96 -5.69 -3.09
CA GLN C 114 -4.16 -4.48 -3.06
C GLN C 114 -2.74 -4.91 -3.39
N ARG C 115 -2.11 -4.20 -4.31
CA ARG C 115 -0.79 -4.59 -4.76
C ARG C 115 0.18 -3.48 -4.40
N GLY C 116 0.42 -2.52 -5.29
CA GLY C 116 1.43 -1.50 -5.06
C GLY C 116 1.11 -0.21 -5.77
N THR C 117 1.90 0.84 -5.47
CA THR C 117 1.73 2.20 -6.03
C THR C 117 0.28 2.70 -5.89
N PHE C 118 -0.06 3.20 -4.71
CA PHE C 118 -1.42 3.63 -4.39
C PHE C 118 -1.62 5.12 -4.58
N VAL C 119 -0.61 5.87 -4.21
CA VAL C 119 -0.60 7.29 -4.40
C VAL C 119 0.59 7.62 -5.26
N GLU C 120 0.35 8.04 -6.49
CA GLU C 120 1.42 8.43 -7.40
C GLU C 120 1.51 9.96 -7.47
N PHE C 121 2.71 10.50 -7.34
CA PHE C 121 2.88 11.94 -7.33
C PHE C 121 3.55 12.35 -8.63
N ARG C 122 2.79 13.04 -9.47
CA ARG C 122 3.28 13.43 -10.78
C ARG C 122 3.79 14.87 -10.70
N ASN C 123 3.67 15.68 -11.75
CA ASN C 123 3.89 17.14 -11.56
C ASN C 123 2.71 17.91 -12.07
N GLY C 124 1.64 17.88 -11.28
CA GLY C 124 0.35 18.33 -11.75
C GLY C 124 -0.79 17.65 -11.02
N MET C 125 -0.62 16.39 -10.66
CA MET C 125 -1.71 15.72 -9.98
C MET C 125 -1.27 14.57 -9.11
N PHE C 126 -2.06 14.31 -8.09
CA PHE C 126 -2.01 13.01 -7.43
C PHE C 126 -2.77 12.10 -8.35
N ASN C 127 -2.32 10.86 -8.46
CA ASN C 127 -3.18 9.80 -8.93
C ASN C 127 -3.30 8.74 -7.83
N VAL C 128 -4.53 8.43 -7.47
CA VAL C 128 -4.79 7.55 -6.34
C VAL C 128 -5.45 6.28 -6.84
N SER C 129 -4.96 5.12 -6.38
CA SER C 129 -5.55 3.84 -6.71
C SER C 129 -5.71 2.98 -5.47
N PRO C 130 -6.94 2.59 -5.13
CA PRO C 130 -7.10 1.79 -3.91
C PRO C 130 -6.49 0.39 -4.01
N ILE C 131 -6.53 -0.20 -5.20
CA ILE C 131 -5.87 -1.48 -5.50
C ILE C 131 -4.37 -1.27 -5.76
N GLY C 132 -4.05 -0.17 -6.42
CA GLY C 132 -2.67 0.17 -6.70
C GLY C 132 -2.35 -0.04 -8.16
N ARG C 133 -1.50 0.81 -8.70
CA ARG C 133 -1.17 0.75 -10.13
C ARG C 133 -0.24 -0.38 -10.50
N ASN C 134 0.37 -1.03 -9.52
CA ASN C 134 1.32 -2.12 -9.75
C ASN C 134 0.59 -3.46 -9.82
N CYS C 135 -0.55 -3.54 -10.50
CA CYS C 135 -1.34 -4.78 -10.52
C CYS C 135 -1.57 -5.28 -11.94
N SER C 136 -1.94 -6.54 -12.09
CA SER C 136 -2.16 -7.12 -13.41
C SER C 136 -3.38 -6.62 -14.12
N GLN C 137 -3.35 -6.76 -15.43
CA GLN C 137 -4.46 -6.30 -16.25
C GLN C 137 -5.74 -7.04 -15.81
N GLN C 138 -5.58 -8.32 -15.46
CA GLN C 138 -6.70 -9.12 -15.01
C GLN C 138 -7.22 -8.54 -13.71
N GLU C 139 -6.30 -8.21 -12.82
CA GLU C 139 -6.65 -7.53 -11.58
C GLU C 139 -7.32 -6.17 -11.81
N ARG C 140 -6.96 -5.44 -12.86
CA ARG C 140 -7.62 -4.18 -13.14
C ARG C 140 -9.02 -4.38 -13.55
N ASP C 141 -9.20 -5.34 -14.46
CA ASP C 141 -10.49 -5.59 -15.10
C ASP C 141 -11.49 -5.94 -14.03
N GLU C 142 -10.99 -6.66 -13.04
CA GLU C 142 -11.75 -7.09 -11.90
C GLU C 142 -12.04 -5.95 -10.95
N PHE C 143 -11.05 -5.10 -10.74
CA PHE C 143 -11.26 -4.02 -9.80
C PHE C 143 -12.28 -3.06 -10.33
N GLU C 144 -12.13 -2.73 -11.61
CA GLU C 144 -13.05 -1.85 -12.28
C GLU C 144 -14.50 -2.27 -12.01
N ASN C 145 -14.75 -3.57 -12.08
CA ASN C 145 -16.08 -4.12 -11.89
C ASN C 145 -16.51 -4.07 -10.40
N LEU C 146 -15.59 -4.47 -9.52
CA LEU C 146 -15.76 -4.40 -8.06
C LEU C 146 -16.11 -2.99 -7.64
N ASP C 147 -15.48 -2.03 -8.32
CA ASP C 147 -15.70 -0.64 -8.02
C ASP C 147 -17.02 -0.17 -8.58
N LYS C 148 -17.44 -0.71 -9.71
CA LYS C 148 -18.76 -0.31 -10.25
C LYS C 148 -19.89 -0.62 -9.26
N GLU C 149 -19.68 -1.67 -8.46
CA GLU C 149 -20.66 -2.13 -7.50
C GLU C 149 -20.56 -1.42 -6.17
N ARG C 150 -19.35 -1.41 -5.61
CA ARG C 150 -19.15 -0.98 -4.23
C ARG C 150 -18.72 0.48 -4.09
N HIS C 151 -18.39 1.12 -5.21
CA HIS C 151 -18.14 2.56 -5.26
C HIS C 151 -16.99 2.96 -4.34
N ILE C 152 -15.92 2.18 -4.39
CA ILE C 152 -14.78 2.40 -3.49
C ILE C 152 -14.06 3.71 -3.74
N ARG C 153 -13.66 3.91 -4.98
CA ARG C 153 -13.06 5.16 -5.35
C ARG C 153 -13.94 6.30 -4.90
N GLU C 154 -15.25 6.14 -5.07
CA GLU C 154 -16.21 7.20 -4.79
C GLU C 154 -16.23 7.63 -3.32
N LYS C 155 -16.26 6.64 -2.43
CA LYS C 155 -16.20 6.90 -0.98
C LYS C 155 -14.87 7.54 -0.56
N LEU C 156 -13.82 7.18 -1.28
CA LEU C 156 -12.49 7.76 -1.08
C LEU C 156 -12.48 9.25 -1.43
N ILE C 157 -13.15 9.61 -2.52
CA ILE C 157 -13.27 11.00 -2.92
C ILE C 157 -14.11 11.77 -1.88
N ARG C 158 -15.17 11.14 -1.38
CA ARG C 158 -16.04 11.74 -0.37
C ARG C 158 -15.27 12.03 0.91
N GLU C 159 -14.46 11.07 1.35
CA GLU C 159 -13.74 11.20 2.61
C GLU C 159 -12.64 12.25 2.53
N LEU C 160 -12.05 12.36 1.35
CA LEU C 160 -11.03 13.36 1.09
C LEU C 160 -11.61 14.77 1.06
N LYS C 161 -12.71 14.95 0.34
CA LYS C 161 -13.38 16.25 0.31
C LYS C 161 -13.75 16.70 1.75
N GLU C 162 -14.24 15.74 2.54
CA GLU C 162 -14.47 15.91 3.97
C GLU C 162 -13.18 16.36 4.71
N ALA C 163 -12.10 15.60 4.52
CA ALA C 163 -10.82 15.93 5.13
C ALA C 163 -10.30 17.31 4.73
N PHE C 164 -10.38 17.64 3.44
CA PHE C 164 -9.75 18.84 2.90
C PHE C 164 -10.69 19.73 2.10
N PRO C 165 -11.67 20.35 2.78
CA PRO C 165 -12.66 21.21 2.11
C PRO C 165 -12.08 22.54 1.62
N ASP C 166 -11.02 23.02 2.27
CA ASP C 166 -10.39 24.29 1.93
C ASP C 166 -9.31 24.20 0.83
N TYR C 167 -8.96 22.98 0.43
CA TYR C 167 -7.91 22.77 -0.58
C TYR C 167 -8.26 23.24 -2.00
N GLN C 168 -9.54 23.21 -2.35
CA GLN C 168 -10.01 23.61 -3.66
C GLN C 168 -9.37 22.73 -4.74
N LEU C 169 -9.63 21.43 -4.61
CA LEU C 169 -9.21 20.42 -5.58
C LEU C 169 -10.41 19.88 -6.35
N ALA C 170 -10.11 19.27 -7.49
CA ALA C 170 -11.08 18.49 -8.25
C ALA C 170 -10.64 17.02 -8.19
N TYR C 171 -11.63 16.14 -8.28
CA TYR C 171 -11.41 14.70 -8.28
C TYR C 171 -12.00 14.17 -9.57
N SER C 172 -11.14 13.72 -10.47
CA SER C 172 -11.55 13.16 -11.76
C SER C 172 -11.32 11.67 -11.74
N VAL C 173 -12.35 10.92 -12.10
CA VAL C 173 -12.23 9.48 -12.23
C VAL C 173 -12.15 9.23 -13.71
N GLY C 174 -10.96 9.16 -14.25
CA GLY C 174 -10.76 8.62 -15.62
C GLY C 174 -9.99 7.34 -15.43
N GLY C 175 -10.17 6.36 -16.30
CA GLY C 175 -9.39 5.11 -16.18
C GLY C 175 -9.90 4.13 -15.14
N GLN C 176 -9.41 2.91 -15.21
CA GLN C 176 -10.07 1.77 -14.55
C GLN C 176 -9.89 1.68 -13.04
N ILE C 177 -8.71 2.04 -12.53
CA ILE C 177 -8.37 1.73 -11.13
C ILE C 177 -8.00 2.95 -10.28
N SER C 178 -8.09 4.13 -10.86
CA SER C 178 -7.55 5.32 -10.22
C SER C 178 -8.49 6.51 -10.34
N PHE C 179 -8.21 7.54 -9.54
CA PHE C 179 -8.74 8.90 -9.78
C PHE C 179 -7.63 9.92 -9.73
N ASP C 180 -7.82 11.02 -10.45
CA ASP C 180 -6.84 12.09 -10.51
C ASP C 180 -7.30 13.20 -9.55
N VAL C 181 -6.35 13.77 -8.80
CA VAL C 181 -6.67 14.91 -7.94
C VAL C 181 -5.73 16.07 -8.27
N PHE C 182 -6.33 17.23 -8.50
CA PHE C 182 -5.60 18.42 -8.89
C PHE C 182 -6.44 19.66 -8.56
N PRO C 183 -5.78 20.82 -8.47
CA PRO C 183 -6.51 22.07 -8.31
C PRO C 183 -7.64 22.17 -9.32
N LYS C 184 -8.75 22.79 -8.94
CA LYS C 184 -9.76 23.11 -9.93
C LYS C 184 -9.09 23.92 -11.03
N GLY C 185 -9.53 23.71 -12.27
CA GLY C 185 -8.94 24.38 -13.43
C GLY C 185 -8.03 23.46 -14.24
N TRP C 186 -7.42 22.47 -13.57
CA TRP C 186 -6.38 21.64 -14.16
C TRP C 186 -6.89 20.37 -14.83
N ASP C 187 -8.19 20.32 -15.11
CA ASP C 187 -8.75 19.27 -15.96
C ASP C 187 -8.25 19.40 -17.41
N LYS C 188 -8.69 18.51 -18.31
CA LYS C 188 -8.15 18.48 -19.67
C LYS C 188 -8.24 19.82 -20.41
N THR C 189 -9.22 20.64 -20.05
CA THR C 189 -9.39 21.95 -20.66
C THR C 189 -8.21 22.87 -20.36
N TYR C 190 -7.39 22.50 -19.37
CA TYR C 190 -6.22 23.28 -19.01
C TYR C 190 -5.31 23.59 -20.20
N CYS C 191 -5.30 22.68 -21.17
CA CYS C 191 -4.40 22.84 -22.30
C CYS C 191 -4.90 23.79 -23.36
N LEU C 192 -6.22 23.96 -23.41
CA LEU C 192 -6.81 24.78 -24.46
C LEU C 192 -6.10 26.12 -24.56
N GLN C 193 -5.67 26.65 -23.42
CA GLN C 193 -5.02 27.96 -23.39
C GLN C 193 -3.78 28.06 -24.29
N PHE C 194 -3.14 26.95 -24.61
CA PHE C 194 -1.87 26.99 -25.33
C PHE C 194 -2.04 26.94 -26.83
N VAL C 195 -3.25 27.25 -27.28
CA VAL C 195 -3.73 26.81 -28.57
C VAL C 195 -4.86 27.73 -29.12
N GLU C 196 -5.79 28.11 -28.25
CA GLU C 196 -6.91 29.00 -28.61
C GLU C 196 -6.54 30.25 -29.43
N ASN C 197 -5.44 30.90 -29.08
CA ASN C 197 -4.97 32.11 -29.81
C ASN C 197 -4.46 31.79 -31.23
N ASP C 198 -4.03 30.55 -31.41
CA ASP C 198 -3.26 30.15 -32.57
C ASP C 198 -4.12 29.45 -33.63
N PHE C 199 -5.26 28.91 -33.22
CA PHE C 199 -6.14 28.22 -34.15
C PHE C 199 -7.55 28.80 -34.14
N GLU C 200 -8.14 28.87 -35.33
CA GLU C 200 -9.52 29.32 -35.48
C GLU C 200 -10.43 28.12 -35.59
N THR C 201 -9.92 26.94 -35.23
CA THR C 201 -10.70 25.72 -35.29
C THR C 201 -9.99 24.64 -34.49
N ILE C 202 -10.67 24.10 -33.49
CA ILE C 202 -10.09 23.13 -32.56
C ILE C 202 -11.03 21.94 -32.44
N HIS C 203 -10.69 20.87 -33.16
CA HIS C 203 -11.42 19.61 -33.08
C HIS C 203 -10.88 18.81 -31.93
N PHE C 204 -11.76 18.31 -31.07
CA PHE C 204 -11.34 17.36 -30.04
C PHE C 204 -12.10 16.06 -30.17
N PHE C 205 -11.35 14.97 -30.03
CA PHE C 205 -11.83 13.61 -30.16
C PHE C 205 -11.63 12.89 -28.83
N GLY C 206 -12.71 12.28 -28.32
CA GLY C 206 -12.65 11.58 -27.03
C GLY C 206 -13.81 10.64 -26.78
N ASP C 207 -13.57 9.70 -25.87
CA ASP C 207 -14.49 8.59 -25.62
C ASP C 207 -15.25 8.72 -24.31
N LYS C 208 -14.70 9.50 -23.39
CA LYS C 208 -15.36 9.75 -22.10
C LYS C 208 -15.95 11.15 -22.03
N THR C 209 -16.99 11.36 -22.83
CA THR C 209 -17.51 12.70 -23.11
C THR C 209 -18.71 13.13 -22.29
N SER C 210 -19.47 12.21 -21.69
CA SER C 210 -20.60 12.56 -20.82
C SER C 210 -20.13 12.75 -19.36
N GLU C 211 -20.99 13.34 -18.51
CA GLU C 211 -20.59 13.75 -17.15
C GLU C 211 -19.74 12.70 -16.42
N GLY C 212 -18.68 13.14 -15.76
CA GLY C 212 -17.83 12.23 -14.98
C GLY C 212 -16.66 11.68 -15.77
N GLY C 213 -16.81 11.57 -17.10
CA GLY C 213 -15.72 11.21 -17.99
C GLY C 213 -14.80 12.40 -18.15
N ASN C 214 -13.51 12.17 -18.09
CA ASN C 214 -12.56 13.27 -18.10
C ASN C 214 -12.31 13.94 -19.46
N ASP C 215 -13.14 13.62 -20.47
CA ASP C 215 -13.14 14.38 -21.73
C ASP C 215 -14.39 15.28 -21.85
N TYR C 216 -15.20 15.29 -20.80
CA TYR C 216 -16.50 15.95 -20.83
C TYR C 216 -16.37 17.47 -20.75
N GLU C 217 -15.37 17.93 -20.00
CA GLU C 217 -15.14 19.37 -19.83
C GLU C 217 -14.64 19.93 -21.16
N ILE C 218 -13.67 19.23 -21.75
CA ILE C 218 -13.04 19.70 -22.97
C ILE C 218 -13.92 19.51 -24.19
N PHE C 219 -14.81 18.52 -24.13
CA PHE C 219 -15.78 18.27 -25.21
C PHE C 219 -16.86 19.37 -25.21
N THR C 220 -17.39 19.70 -24.03
CA THR C 220 -18.45 20.71 -23.91
C THR C 220 -17.92 22.14 -23.90
N ASP C 221 -16.60 22.30 -23.91
CA ASP C 221 -15.98 23.63 -23.99
C ASP C 221 -16.35 24.31 -25.30
N SER C 222 -16.65 25.61 -25.21
CA SER C 222 -17.18 26.35 -26.35
C SER C 222 -16.11 26.71 -27.38
N ARG C 223 -14.87 26.38 -27.06
CA ARG C 223 -13.76 26.56 -27.99
C ARG C 223 -13.51 25.32 -28.85
N THR C 224 -14.35 24.28 -28.70
CA THR C 224 -14.06 22.98 -29.29
C THR C 224 -15.16 22.45 -30.18
N ILE C 225 -14.74 21.72 -31.21
CA ILE C 225 -15.62 20.84 -31.94
C ILE C 225 -15.41 19.43 -31.37
N GLY C 226 -16.31 19.03 -30.48
CA GLY C 226 -16.18 17.76 -29.74
C GLY C 226 -16.72 16.58 -30.52
N HIS C 227 -15.88 15.56 -30.69
CA HIS C 227 -16.27 14.33 -31.36
C HIS C 227 -16.26 13.20 -30.37
N SER C 228 -17.42 12.61 -30.12
CA SER C 228 -17.49 11.48 -29.19
C SER C 228 -17.28 10.16 -29.92
N VAL C 229 -16.04 9.66 -29.88
CA VAL C 229 -15.72 8.37 -30.47
C VAL C 229 -15.83 7.23 -29.48
N LYS C 230 -16.46 6.13 -29.88
CA LYS C 230 -16.42 4.89 -29.10
C LYS C 230 -15.09 4.14 -29.27
N THR C 231 -14.46 4.28 -30.43
CA THR C 231 -13.35 3.42 -30.81
C THR C 231 -12.35 4.17 -31.63
N TYR C 232 -11.11 3.69 -31.65
CA TYR C 232 -10.05 4.32 -32.45
C TYR C 232 -10.40 4.33 -33.95
N LYS C 233 -11.28 3.43 -34.38
CA LYS C 233 -11.73 3.38 -35.77
C LYS C 233 -12.75 4.50 -36.09
N ASP C 234 -13.65 4.79 -35.16
CA ASP C 234 -14.54 5.94 -35.31
C ASP C 234 -13.73 7.18 -35.63
N THR C 235 -12.66 7.36 -34.85
CA THR C 235 -11.70 8.44 -35.03
C THR C 235 -11.19 8.49 -36.45
N ILE C 236 -10.72 7.34 -36.94
CA ILE C 236 -10.20 7.25 -38.30
C ILE C 236 -11.23 7.67 -39.33
N ALA C 237 -12.46 7.21 -39.16
CA ALA C 237 -13.55 7.55 -40.05
C ALA C 237 -13.71 9.04 -40.19
N ILE C 238 -13.69 9.71 -39.04
CA ILE C 238 -13.94 11.13 -38.98
C ILE C 238 -12.83 11.87 -39.66
N LEU C 239 -11.60 11.42 -39.43
CA LEU C 239 -10.43 12.03 -40.04
C LEU C 239 -10.48 11.98 -41.57
N GLU C 240 -10.82 10.81 -42.08
CA GLU C 240 -10.93 10.59 -43.50
C GLU C 240 -11.97 11.54 -44.04
N ALA C 241 -13.09 11.56 -43.34
CA ALA C 241 -14.18 12.42 -43.71
C ALA C 241 -13.75 13.89 -43.74
N LEU C 242 -12.84 14.26 -42.85
CA LEU C 242 -12.35 15.63 -42.81
C LEU C 242 -11.42 15.94 -43.95
N LEU C 243 -10.63 14.97 -44.38
CA LEU C 243 -9.79 15.20 -45.53
C LEU C 243 -10.65 15.59 -46.71
N GLU C 244 -11.52 14.67 -47.13
CA GLU C 244 -12.29 14.83 -48.37
C GLU C 244 -13.10 16.12 -48.38
N ASP C 245 -13.83 16.38 -47.29
CA ASP C 245 -14.73 17.54 -47.20
C ASP C 245 -14.03 18.65 -46.43
#